data_7R7I
#
_entry.id   7R7I
#
_cell.length_a   55.180
_cell.length_b   83.630
_cell.length_c   217.490
_cell.angle_alpha   90.000
_cell.angle_beta   90.000
_cell.angle_gamma   90.000
#
_symmetry.space_group_name_H-M   'P 21 21 21'
#
loop_
_entity.id
_entity.type
_entity.pdbx_description
1 polymer 'Tyrosine-protein phosphatase non-receptor type 11'
2 non-polymer [3-(4-amino-4-methylpiperidin-1-yl)-6-(2,3-dichlorophenyl)-5-methylpyrazin-2-yl]methanol
3 water water
#
_entity_poly.entity_id   1
_entity_poly.type   'polypeptide(L)'
_entity_poly.pdbx_seq_one_letter_code
;GAMADIMTSRRWFHPNITGVEAENLLLTRGVDGSFLARPSKSNPGDFTLSVRRNGAVTHIKIQNTGDYYDLYGGEKFATL
AELVQYYMEHHGQLKEKNGDVIELKYPLNCADPTSERWFHGHLSGKEAEKLLTEKGKHGSFLVRESQSHPGDFVLSVRTG
DDKGESNDGKSKVTHVMIRCQELKYDVGGGERFDSLTDLVEHYKKNPMVETLGTVLQLKQPLNTTRINAAEIESRVRELS
KLAETTDKVKQGFWEEFETLQQQECKLLYSRKEGQRQENKNKNRYKNILPFDHTRVVLHDGDPNEPVSDYINANIIMPEF
ETKCNNSKPKKSYIATQGCLQNTVNDFWRMVFQENSRVIVMTTKEVERGKSKCVKYWPDEYALKEYGVMRVRNVKESAAH
DYTLRELKLSKVGQGNTERTVWQYHFRTWPDHGVPSDPGGVLDFLEEVHHKQESIMDAGPVVVHCSAGIGRTGTFIVIDI
LIDIIREKGVDCDIDVPKTIQMVRSQRSGMVQTEAQYRFIYMAVQHYIETLQRRIE
;
_entity_poly.pdbx_strand_id   A,B
#
loop_
_chem_comp.id
_chem_comp.type
_chem_comp.name
_chem_comp.formula
3CW non-polymer [3-(4-amino-4-methylpiperidin-1-yl)-6-(2,3-dichlorophenyl)-5-methylpyrazin-2-yl]methanol 'C18 H22 Cl2 N4 O'
#
# COMPACT_ATOMS: atom_id res chain seq x y z
N ARG A 10 -6.40 -7.69 19.29
CA ARG A 10 -6.35 -8.40 18.01
C ARG A 10 -4.91 -8.76 17.62
N ARG A 11 -4.58 -10.04 17.75
CA ARG A 11 -3.25 -10.52 17.43
C ARG A 11 -3.15 -11.13 16.04
N TRP A 12 -4.27 -11.26 15.34
CA TRP A 12 -4.25 -11.69 13.95
C TRP A 12 -3.84 -10.58 12.99
N PHE A 13 -3.52 -9.40 13.51
CA PHE A 13 -3.13 -8.25 12.71
C PHE A 13 -1.62 -8.12 12.76
N HIS A 14 -0.97 -8.27 11.60
CA HIS A 14 0.48 -8.16 11.48
C HIS A 14 0.82 -6.88 10.73
N PRO A 15 1.27 -5.81 11.40
CA PRO A 15 1.34 -4.51 10.72
C PRO A 15 2.55 -4.33 9.80
N ASN A 16 3.55 -5.20 9.89
CA ASN A 16 4.81 -4.99 9.17
C ASN A 16 5.26 -6.27 8.46
N ILE A 17 4.41 -6.79 7.57
CA ILE A 17 4.78 -7.92 6.73
C ILE A 17 4.30 -7.68 5.31
N THR A 18 4.89 -8.42 4.37
CA THR A 18 4.55 -8.36 2.97
C THR A 18 3.59 -9.49 2.60
N GLY A 19 3.10 -9.43 1.36
CA GLY A 19 2.15 -10.44 0.90
C GLY A 19 2.76 -11.82 0.81
N VAL A 20 4.06 -11.91 0.55
CA VAL A 20 4.70 -13.21 0.39
C VAL A 20 4.89 -13.89 1.74
N GLU A 21 5.22 -13.12 2.77
CA GLU A 21 5.44 -13.68 4.10
C GLU A 21 4.15 -14.26 4.67
N ALA A 22 3.04 -13.53 4.59
CA ALA A 22 1.77 -14.06 5.07
C ALA A 22 1.39 -15.34 4.33
N GLU A 23 1.81 -15.47 3.07
CA GLU A 23 1.66 -16.73 2.37
C GLU A 23 2.53 -17.80 3.00
N ASN A 24 3.82 -17.50 3.16
CA ASN A 24 4.75 -18.44 3.78
C ASN A 24 4.29 -18.82 5.19
N LEU A 25 3.81 -17.83 5.95
CA LEU A 25 3.45 -18.07 7.35
C LEU A 25 2.24 -18.99 7.46
N LEU A 26 1.21 -18.74 6.65
CA LEU A 26 0.03 -19.59 6.67
C LEU A 26 0.31 -20.98 6.13
N LEU A 27 1.34 -21.13 5.30
CA LEU A 27 1.72 -22.43 4.76
C LEU A 27 2.70 -23.17 5.65
N THR A 28 3.34 -22.49 6.61
CA THR A 28 4.29 -23.11 7.52
C THR A 28 3.70 -23.33 8.91
N ARG A 29 3.32 -22.25 9.59
CA ARG A 29 2.81 -22.32 10.95
C ARG A 29 1.29 -22.37 11.02
N GLY A 30 0.61 -22.49 9.88
CA GLY A 30 -0.84 -22.44 9.86
C GLY A 30 -1.43 -23.64 9.14
N VAL A 31 -2.60 -24.05 9.61
CA VAL A 31 -3.36 -25.12 8.98
C VAL A 31 -4.54 -24.48 8.25
N ASP A 32 -5.46 -25.31 7.74
CA ASP A 32 -6.67 -24.78 7.14
C ASP A 32 -7.49 -24.03 8.18
N GLY A 33 -8.15 -22.97 7.73
CA GLY A 33 -8.88 -22.09 8.63
C GLY A 33 -8.04 -21.04 9.30
N SER A 34 -6.71 -21.12 9.19
CA SER A 34 -5.84 -20.07 9.73
C SER A 34 -5.94 -18.83 8.87
N PHE A 35 -6.34 -17.71 9.48
CA PHE A 35 -6.42 -16.44 8.78
C PHE A 35 -5.44 -15.45 9.41
N LEU A 36 -5.36 -14.27 8.83
CA LEU A 36 -4.34 -13.29 9.17
C LEU A 36 -4.71 -11.96 8.53
N ALA A 37 -4.50 -10.87 9.28
CA ALA A 37 -4.78 -9.54 8.78
C ALA A 37 -3.48 -8.88 8.32
N ARG A 38 -3.59 -8.06 7.27
CA ARG A 38 -2.45 -7.55 6.55
C ARG A 38 -2.70 -6.13 6.07
N PRO A 39 -1.83 -5.20 6.41
CA PRO A 39 -1.87 -3.88 5.75
C PRO A 39 -0.96 -3.88 4.53
N SER A 40 -1.53 -3.65 3.34
CA SER A 40 -0.72 -3.54 2.14
C SER A 40 0.24 -2.36 2.27
N LYS A 41 1.52 -2.66 2.46
CA LYS A 41 2.52 -1.63 2.72
C LYS A 41 2.52 -0.53 1.66
N SER A 42 2.16 -0.88 0.42
CA SER A 42 2.19 0.08 -0.66
C SER A 42 1.19 1.20 -0.45
N ASN A 43 -0.10 0.87 -0.37
CA ASN A 43 -1.18 1.84 -0.34
C ASN A 43 -1.73 1.95 1.08
N PRO A 44 -1.51 3.06 1.78
CA PRO A 44 -2.16 3.24 3.10
C PRO A 44 -3.66 3.36 2.93
N GLY A 45 -4.39 2.64 3.77
CA GLY A 45 -5.83 2.51 3.63
C GLY A 45 -6.26 1.27 2.90
N ASP A 46 -5.34 0.37 2.57
CA ASP A 46 -5.62 -0.88 1.88
C ASP A 46 -5.15 -2.03 2.76
N PHE A 47 -6.06 -2.95 3.06
CA PHE A 47 -5.75 -4.11 3.90
C PHE A 47 -6.12 -5.38 3.16
N THR A 48 -5.61 -6.51 3.67
CA THR A 48 -5.86 -7.81 3.06
C THR A 48 -6.12 -8.84 4.14
N LEU A 49 -7.07 -9.73 3.87
CA LEU A 49 -7.47 -10.79 4.80
C LEU A 49 -7.07 -12.12 4.16
N SER A 50 -5.85 -12.58 4.47
CA SER A 50 -5.30 -13.79 3.88
C SER A 50 -5.73 -15.00 4.70
N VAL A 51 -6.44 -15.93 4.06
CA VAL A 51 -6.98 -17.11 4.71
C VAL A 51 -6.40 -18.34 4.04
N ARG A 52 -5.94 -19.31 4.85
CA ARG A 52 -5.41 -20.56 4.34
C ARG A 52 -6.55 -21.54 4.09
N ARG A 53 -6.57 -22.13 2.90
CA ARG A 53 -7.66 -23.05 2.53
C ARG A 53 -7.19 -23.93 1.37
N ASN A 54 -7.28 -25.24 1.57
CA ASN A 54 -6.94 -26.24 0.55
C ASN A 54 -5.48 -26.12 0.12
N GLY A 55 -4.59 -26.02 1.11
CA GLY A 55 -3.16 -25.93 0.85
C GLY A 55 -2.70 -24.65 0.18
N ALA A 56 -3.60 -23.70 -0.06
CA ALA A 56 -3.25 -22.42 -0.67
C ALA A 56 -3.85 -21.29 0.15
N VAL A 57 -3.27 -20.11 -0.01
CA VAL A 57 -3.72 -18.91 0.71
C VAL A 57 -4.61 -18.10 -0.20
N THR A 58 -5.80 -17.75 0.28
CA THR A 58 -6.73 -16.90 -0.43
C THR A 58 -6.67 -15.49 0.18
N HIS A 59 -6.36 -14.49 -0.64
CA HIS A 59 -6.23 -13.12 -0.19
C HIS A 59 -7.53 -12.37 -0.49
N ILE A 60 -8.14 -11.81 0.54
CA ILE A 60 -9.37 -11.02 0.43
C ILE A 60 -9.01 -9.58 0.74
N LYS A 61 -9.24 -8.68 -0.21
CA LYS A 61 -8.78 -7.30 -0.11
C LYS A 61 -9.80 -6.42 0.59
N ILE A 62 -9.31 -5.53 1.45
CA ILE A 62 -10.14 -4.57 2.16
C ILE A 62 -9.61 -3.17 1.87
N GLN A 63 -10.53 -2.25 1.58
CA GLN A 63 -10.18 -0.87 1.24
C GLN A 63 -10.94 0.08 2.14
N ASN A 64 -10.24 1.04 2.72
CA ASN A 64 -10.84 2.06 3.57
C ASN A 64 -10.52 3.43 2.97
N THR A 65 -11.51 4.01 2.29
CA THR A 65 -11.34 5.34 1.71
C THR A 65 -11.53 6.45 2.73
N GLY A 66 -12.19 6.17 3.85
CA GLY A 66 -12.43 7.18 4.87
C GLY A 66 -13.70 6.96 5.66
N ASP A 67 -14.63 6.22 5.08
CA ASP A 67 -15.96 6.01 5.66
C ASP A 67 -16.15 4.66 6.30
N TYR A 68 -15.59 3.60 5.73
CA TYR A 68 -15.79 2.25 6.26
C TYR A 68 -14.72 1.32 5.68
N TYR A 69 -14.68 0.10 6.21
CA TYR A 69 -13.82 -0.95 5.68
C TYR A 69 -14.63 -1.74 4.67
N ASP A 70 -14.23 -1.66 3.39
CA ASP A 70 -14.99 -2.26 2.30
C ASP A 70 -14.43 -3.65 1.99
N LEU A 71 -15.16 -4.69 2.37
CA LEU A 71 -14.79 -6.05 2.05
C LEU A 71 -15.22 -6.36 0.60
N TYR A 72 -14.26 -6.83 -0.20
CA TYR A 72 -14.54 -7.12 -1.60
C TYR A 72 -15.28 -8.45 -1.69
N GLY A 73 -16.51 -8.42 -2.19
CA GLY A 73 -17.35 -9.59 -2.24
C GLY A 73 -18.16 -9.84 -0.98
N GLY A 74 -18.06 -8.96 0.01
CA GLY A 74 -18.78 -9.13 1.25
C GLY A 74 -19.58 -7.90 1.63
N GLU A 75 -19.48 -7.47 2.89
CA GLU A 75 -20.21 -6.33 3.40
C GLU A 75 -19.23 -5.27 3.89
N LYS A 76 -19.76 -4.25 4.57
CA LYS A 76 -18.97 -3.13 5.06
C LYS A 76 -19.02 -3.09 6.58
N PHE A 77 -17.87 -2.84 7.21
CA PHE A 77 -17.73 -2.94 8.65
C PHE A 77 -17.07 -1.67 9.20
N ALA A 78 -17.29 -1.45 10.50
CA ALA A 78 -16.75 -0.27 11.16
C ALA A 78 -15.25 -0.41 11.43
N THR A 79 -14.85 -1.51 12.06
CA THR A 79 -13.46 -1.79 12.36
C THR A 79 -13.09 -3.17 11.84
N LEU A 80 -11.79 -3.46 11.85
CA LEU A 80 -11.34 -4.79 11.47
C LEU A 80 -11.65 -5.83 12.56
N ALA A 81 -11.80 -5.40 13.80
CA ALA A 81 -12.22 -6.33 14.85
C ALA A 81 -13.67 -6.77 14.64
N GLU A 82 -14.55 -5.83 14.31
CA GLU A 82 -15.95 -6.18 14.05
C GLU A 82 -16.08 -7.00 12.78
N LEU A 83 -15.17 -6.80 11.81
CA LEU A 83 -15.19 -7.60 10.60
C LEU A 83 -14.88 -9.06 10.90
N VAL A 84 -13.77 -9.32 11.60
CA VAL A 84 -13.39 -10.69 11.93
C VAL A 84 -14.43 -11.33 12.84
N GLN A 85 -14.96 -10.57 13.79
CA GLN A 85 -15.97 -11.11 14.69
C GLN A 85 -17.24 -11.49 13.94
N TYR A 86 -17.60 -10.72 12.90
CA TYR A 86 -18.81 -11.02 12.15
C TYR A 86 -18.69 -12.32 11.37
N TYR A 87 -17.49 -12.66 10.90
CA TYR A 87 -17.30 -13.87 10.13
C TYR A 87 -16.92 -15.07 10.97
N MET A 88 -16.21 -14.85 12.10
CA MET A 88 -15.83 -15.97 12.96
C MET A 88 -17.04 -16.47 13.76
N GLU A 89 -17.84 -15.55 14.29
CA GLU A 89 -18.91 -15.95 15.20
C GLU A 89 -20.06 -16.63 14.47
N HIS A 90 -20.33 -16.25 13.23
CA HIS A 90 -21.30 -16.98 12.40
C HIS A 90 -20.77 -17.02 10.97
N HIS A 91 -20.27 -18.18 10.56
CA HIS A 91 -19.73 -18.36 9.23
C HIS A 91 -20.86 -18.70 8.24
N GLY A 92 -20.53 -18.64 6.96
CA GLY A 92 -21.52 -18.83 5.91
C GLY A 92 -21.86 -17.58 5.13
N GLN A 93 -21.12 -16.50 5.29
CA GLN A 93 -21.34 -15.28 4.54
C GLN A 93 -20.11 -14.79 3.81
N LEU A 94 -18.94 -15.39 4.05
CA LEU A 94 -17.70 -15.03 3.37
C LEU A 94 -17.44 -16.10 2.32
N LYS A 95 -17.86 -15.85 1.08
CA LYS A 95 -17.76 -16.83 0.02
C LYS A 95 -16.82 -16.32 -1.08
N GLU A 96 -16.16 -17.27 -1.75
CA GLU A 96 -15.33 -16.94 -2.91
C GLU A 96 -16.15 -16.56 -4.12
N LYS A 97 -17.46 -16.44 -3.93
CA LYS A 97 -18.45 -16.06 -4.94
C LYS A 97 -18.45 -16.94 -6.17
N ASN A 98 -17.71 -18.07 -6.13
CA ASN A 98 -17.96 -19.22 -6.97
C ASN A 98 -18.93 -20.18 -6.27
N GLY A 99 -19.31 -19.86 -5.04
CA GLY A 99 -20.09 -20.72 -4.18
C GLY A 99 -19.32 -21.24 -2.98
N ASP A 100 -18.01 -21.41 -3.12
CA ASP A 100 -17.19 -21.96 -2.05
C ASP A 100 -17.02 -20.93 -0.95
N VAL A 101 -17.16 -21.37 0.30
CA VAL A 101 -17.19 -20.49 1.46
C VAL A 101 -15.81 -20.41 2.10
N ILE A 102 -15.53 -19.27 2.73
CA ILE A 102 -14.31 -19.04 3.49
C ILE A 102 -14.58 -19.33 4.96
N GLU A 103 -13.61 -19.93 5.64
CA GLU A 103 -13.72 -20.24 7.07
C GLU A 103 -12.63 -19.50 7.82
N LEU A 104 -13.02 -18.79 8.87
CA LEU A 104 -12.09 -18.12 9.78
C LEU A 104 -12.17 -18.85 11.11
N LYS A 105 -11.11 -19.59 11.45
CA LYS A 105 -11.17 -20.41 12.65
C LYS A 105 -9.96 -20.25 13.56
N TYR A 106 -8.76 -20.09 13.01
CA TYR A 106 -7.54 -20.01 13.81
C TYR A 106 -6.81 -18.70 13.54
N PRO A 107 -6.85 -17.75 14.46
CA PRO A 107 -6.10 -16.49 14.27
C PRO A 107 -4.61 -16.73 14.38
N LEU A 108 -3.88 -16.46 13.30
CA LEU A 108 -2.43 -16.49 13.34
C LEU A 108 -1.95 -15.33 14.19
N ASN A 109 -1.35 -15.62 15.34
CA ASN A 109 -0.90 -14.57 16.25
C ASN A 109 0.42 -13.98 15.78
N CYS A 110 0.58 -12.68 16.02
CA CYS A 110 1.76 -11.94 15.61
C CYS A 110 2.67 -11.70 16.80
N ALA A 111 3.98 -11.72 16.54
CA ALA A 111 4.99 -11.46 17.57
C ALA A 111 5.48 -10.02 17.55
N ASP A 112 5.16 -9.24 16.52
CA ASP A 112 5.64 -7.87 16.42
C ASP A 112 5.04 -7.02 17.53
N PRO A 113 5.86 -6.39 18.38
CA PRO A 113 5.30 -5.56 19.45
C PRO A 113 5.22 -4.08 19.11
N THR A 114 5.33 -3.75 17.81
CA THR A 114 5.49 -2.35 17.42
C THR A 114 4.29 -1.51 17.85
N SER A 115 3.09 -2.04 17.70
CA SER A 115 1.86 -1.29 17.97
C SER A 115 1.23 -1.69 19.29
N GLU A 116 2.07 -1.77 20.32
CA GLU A 116 1.63 -1.97 21.70
C GLU A 116 1.88 -0.70 22.48
N ARG A 117 1.03 -0.47 23.49
CA ARG A 117 1.14 0.76 24.27
C ARG A 117 2.50 0.88 24.94
N TRP A 118 3.04 -0.23 25.42
CA TRP A 118 4.20 -0.22 26.30
C TRP A 118 5.53 -0.32 25.55
N PHE A 119 5.51 -0.48 24.23
CA PHE A 119 6.74 -0.67 23.46
C PHE A 119 7.29 0.66 22.97
N HIS A 120 8.61 0.83 23.08
CA HIS A 120 9.25 2.07 22.66
C HIS A 120 10.47 1.89 21.77
N GLY A 121 10.93 0.66 21.53
CA GLY A 121 11.99 0.46 20.56
C GLY A 121 13.32 0.99 21.06
N HIS A 122 13.95 1.83 20.23
CA HIS A 122 15.31 2.34 20.48
C HIS A 122 15.38 3.27 21.69
N LEU A 123 14.29 3.46 22.45
CA LEU A 123 14.33 4.33 23.61
C LEU A 123 15.41 3.88 24.59
N SER A 124 16.32 4.78 24.92
CA SER A 124 17.47 4.45 25.76
C SER A 124 17.03 4.28 27.22
N GLY A 125 18.00 4.15 28.10
CA GLY A 125 17.72 3.95 29.51
C GLY A 125 17.69 5.25 30.31
N LYS A 126 18.35 6.28 29.79
CA LYS A 126 18.36 7.56 30.50
C LYS A 126 17.08 8.34 30.23
N GLU A 127 16.58 8.29 29.00
CA GLU A 127 15.29 8.93 28.72
C GLU A 127 14.15 8.15 29.37
N ALA A 128 14.26 6.81 29.40
CA ALA A 128 13.21 6.00 30.00
C ALA A 128 13.10 6.26 31.50
N GLU A 129 14.25 6.40 32.18
CA GLU A 129 14.21 6.76 33.60
C GLU A 129 13.64 8.15 33.81
N LYS A 130 13.95 9.08 32.90
CA LYS A 130 13.39 10.42 33.00
C LYS A 130 11.89 10.42 32.75
N LEU A 131 11.44 9.65 31.76
CA LEU A 131 10.02 9.64 31.43
C LEU A 131 9.18 9.10 32.59
N LEU A 132 9.62 8.02 33.22
CA LEU A 132 8.85 7.42 34.31
C LEU A 132 8.83 8.30 35.55
N THR A 133 9.87 9.11 35.75
CA THR A 133 9.92 9.98 36.92
C THR A 133 8.98 11.17 36.79
N GLU A 134 8.72 11.65 35.58
CA GLU A 134 7.92 12.84 35.39
C GLU A 134 6.49 12.58 34.95
N LYS A 135 6.20 11.40 34.40
CA LYS A 135 4.85 11.09 33.91
C LYS A 135 4.30 9.78 34.43
N GLY A 136 5.08 9.01 35.19
CA GLY A 136 4.64 7.70 35.63
C GLY A 136 3.97 7.73 37.01
N LYS A 137 2.96 6.89 37.17
CA LYS A 137 2.26 6.70 38.43
C LYS A 137 2.59 5.31 38.97
N HIS A 138 1.93 4.93 40.06
CA HIS A 138 2.10 3.60 40.62
C HIS A 138 1.52 2.58 39.64
N GLY A 139 2.40 1.86 38.96
CA GLY A 139 2.00 0.88 37.95
C GLY A 139 2.44 1.20 36.54
N SER A 140 2.96 2.40 36.28
CA SER A 140 3.41 2.75 34.95
C SER A 140 4.59 1.88 34.55
N PHE A 141 4.65 1.51 33.26
CA PHE A 141 5.71 0.64 32.79
C PHE A 141 5.86 0.80 31.28
N LEU A 142 7.00 0.33 30.78
CA LEU A 142 7.26 0.33 29.35
C LEU A 142 8.35 -0.69 29.06
N VAL A 143 8.40 -1.12 27.79
CA VAL A 143 9.40 -2.06 27.32
C VAL A 143 10.21 -1.39 26.22
N ARG A 144 11.53 -1.53 26.29
CA ARG A 144 12.43 -0.88 25.34
C ARG A 144 13.49 -1.87 24.89
N GLU A 145 14.11 -1.57 23.75
CA GLU A 145 15.24 -2.36 23.28
C GLU A 145 16.46 -2.09 24.15
N SER A 146 17.25 -3.14 24.38
CA SER A 146 18.44 -3.01 25.20
C SER A 146 19.60 -2.48 24.37
N GLN A 147 20.32 -1.50 24.92
CA GLN A 147 21.49 -0.94 24.25
C GLN A 147 22.77 -1.69 24.57
N SER A 148 22.89 -2.23 25.78
CA SER A 148 24.09 -2.97 26.17
C SER A 148 24.15 -4.32 25.45
N HIS A 149 23.04 -5.07 25.46
CA HIS A 149 22.97 -6.35 24.77
C HIS A 149 22.06 -6.21 23.56
N PRO A 150 22.60 -6.02 22.35
CA PRO A 150 21.75 -5.88 21.16
C PRO A 150 20.90 -7.12 20.88
N GLY A 151 19.61 -7.03 21.15
CA GLY A 151 18.71 -8.14 20.95
C GLY A 151 17.75 -8.36 22.11
N ASP A 152 18.18 -7.98 23.31
CA ASP A 152 17.38 -8.15 24.52
C ASP A 152 16.43 -6.96 24.69
N PHE A 153 15.71 -6.94 25.81
CA PHE A 153 14.77 -5.87 26.11
C PHE A 153 14.81 -5.59 27.61
N VAL A 154 14.30 -4.42 27.98
CA VAL A 154 14.28 -3.99 29.38
C VAL A 154 12.87 -3.55 29.72
N LEU A 155 12.36 -4.04 30.85
CA LEU A 155 11.06 -3.63 31.37
C LEU A 155 11.30 -2.78 32.61
N SER A 156 10.94 -1.51 32.54
CA SER A 156 11.13 -0.57 33.64
C SER A 156 9.76 -0.22 34.23
N VAL A 157 9.59 -0.48 35.52
CA VAL A 157 8.33 -0.31 36.21
C VAL A 157 8.51 0.69 37.35
N ARG A 158 7.53 1.54 37.56
CA ARG A 158 7.51 2.50 38.65
C ARG A 158 6.47 2.07 39.68
N THR A 159 6.88 1.99 40.94
CA THR A 159 5.99 1.60 42.03
C THR A 159 6.14 2.60 43.18
N GLY A 160 5.04 3.24 43.55
CA GLY A 160 5.06 4.23 44.60
C GLY A 160 3.69 4.73 45.00
N GLY A 169 10.91 10.32 49.81
CA GLY A 169 10.71 9.88 48.45
C GLY A 169 10.78 8.38 48.29
N LYS A 170 9.75 7.68 48.77
CA LYS A 170 9.69 6.23 48.71
C LYS A 170 9.09 5.72 47.40
N SER A 171 9.25 6.46 46.31
CA SER A 171 8.87 6.00 44.99
C SER A 171 10.12 5.53 44.23
N LYS A 172 10.00 4.39 43.56
CA LYS A 172 11.14 3.77 42.91
C LYS A 172 10.79 3.42 41.47
N VAL A 173 11.83 3.14 40.68
CA VAL A 173 11.68 2.62 39.31
C VAL A 173 12.57 1.40 39.20
N THR A 174 11.96 0.22 39.06
CA THR A 174 12.69 -1.03 38.96
C THR A 174 12.90 -1.39 37.50
N HIS A 175 13.97 -2.15 37.23
CA HIS A 175 14.32 -2.56 35.89
C HIS A 175 14.43 -4.08 35.84
N VAL A 176 13.65 -4.71 34.97
CA VAL A 176 13.65 -6.15 34.77
C VAL A 176 14.17 -6.42 33.37
N MET A 177 15.28 -7.15 33.29
CA MET A 177 15.91 -7.42 31.99
C MET A 177 15.24 -8.61 31.32
N ILE A 178 14.78 -8.40 30.08
CA ILE A 178 14.14 -9.44 29.29
C ILE A 178 15.13 -9.92 28.25
N ARG A 179 15.52 -11.18 28.33
CA ARG A 179 16.46 -11.76 27.40
C ARG A 179 15.72 -12.47 26.27
N CYS A 180 16.31 -12.41 25.08
CA CYS A 180 15.79 -13.11 23.90
C CYS A 180 16.72 -14.27 23.58
N GLN A 181 16.18 -15.48 23.57
CA GLN A 181 16.96 -16.70 23.34
C GLN A 181 16.22 -17.59 22.35
N GLU A 182 16.73 -17.66 21.12
CA GLU A 182 16.12 -18.44 20.04
C GLU A 182 14.67 -18.03 19.81
N LEU A 183 14.48 -16.74 19.55
CA LEU A 183 13.19 -16.12 19.29
C LEU A 183 12.20 -16.31 20.44
N LYS A 184 12.69 -16.59 21.65
CA LYS A 184 11.84 -16.75 22.83
C LYS A 184 12.35 -15.82 23.92
N TYR A 185 11.41 -15.18 24.63
CA TYR A 185 11.74 -14.17 25.62
C TYR A 185 11.42 -14.65 27.03
N ASP A 186 12.25 -14.24 27.98
CA ASP A 186 12.06 -14.59 29.39
C ASP A 186 12.54 -13.42 30.23
N VAL A 187 12.30 -13.51 31.54
CA VAL A 187 12.74 -12.50 32.49
C VAL A 187 13.93 -12.96 33.30
N GLY A 188 14.54 -14.09 32.94
CA GLY A 188 15.69 -14.62 33.66
C GLY A 188 15.51 -16.05 34.08
N GLY A 189 14.26 -16.45 34.30
CA GLY A 189 13.98 -17.81 34.70
C GLY A 189 12.49 -18.08 34.59
N GLY A 190 12.15 -19.36 34.70
CA GLY A 190 10.76 -19.77 34.60
C GLY A 190 10.36 -20.01 33.16
N GLU A 191 9.23 -19.46 32.76
CA GLU A 191 8.69 -19.67 31.43
C GLU A 191 9.39 -18.80 30.39
N ARG A 192 9.38 -19.26 29.15
CA ARG A 192 9.87 -18.51 28.00
C ARG A 192 8.73 -18.40 27.01
N PHE A 193 8.50 -17.20 26.48
CA PHE A 193 7.29 -16.91 25.73
C PHE A 193 7.58 -16.72 24.24
N ASP A 194 6.49 -16.77 23.46
CA ASP A 194 6.59 -16.61 22.01
C ASP A 194 6.94 -15.18 21.63
N SER A 195 6.28 -14.21 22.25
CA SER A 195 6.43 -12.81 21.90
C SER A 195 6.63 -11.99 23.17
N LEU A 196 7.03 -10.73 22.98
CA LEU A 196 7.07 -9.81 24.11
C LEU A 196 5.69 -9.57 24.69
N THR A 197 4.65 -9.67 23.85
CA THR A 197 3.29 -9.47 24.34
C THR A 197 2.89 -10.57 25.31
N ASP A 198 3.15 -11.83 24.95
CA ASP A 198 2.83 -12.94 25.84
C ASP A 198 3.57 -12.82 27.17
N LEU A 199 4.78 -12.28 27.15
CA LEU A 199 5.52 -12.03 28.39
C LEU A 199 4.85 -10.93 29.21
N VAL A 200 4.49 -9.82 28.55
CA VAL A 200 3.90 -8.70 29.28
C VAL A 200 2.51 -9.08 29.79
N GLU A 201 1.69 -9.71 28.95
CA GLU A 201 0.35 -10.11 29.39
C GLU A 201 0.42 -11.09 30.54
N HIS A 202 1.50 -11.86 30.64
CA HIS A 202 1.62 -12.83 31.72
C HIS A 202 1.87 -12.13 33.05
N TYR A 203 2.88 -11.26 33.10
CA TYR A 203 3.21 -10.55 34.32
C TYR A 203 2.29 -9.36 34.60
N LYS A 204 1.49 -8.94 33.62
CA LYS A 204 0.42 -7.99 33.91
C LYS A 204 -0.65 -8.61 34.79
N LYS A 205 -0.85 -9.92 34.68
CA LYS A 205 -1.85 -10.65 35.46
C LYS A 205 -1.24 -11.34 36.67
N ASN A 206 -0.10 -11.99 36.51
CA ASN A 206 0.64 -12.62 37.60
C ASN A 206 1.86 -11.75 37.89
N PRO A 207 1.75 -10.78 38.80
CA PRO A 207 2.82 -9.78 38.97
C PRO A 207 4.12 -10.41 39.44
N MET A 208 5.22 -9.71 39.17
CA MET A 208 6.55 -10.14 39.56
C MET A 208 6.85 -9.65 40.97
N VAL A 209 7.06 -10.59 41.89
CA VAL A 209 7.39 -10.28 43.28
C VAL A 209 8.85 -10.63 43.49
N GLU A 210 9.62 -9.65 43.95
CA GLU A 210 11.04 -9.87 44.20
C GLU A 210 11.28 -10.15 45.68
N THR A 211 12.55 -10.10 46.10
CA THR A 211 12.95 -10.69 47.36
C THR A 211 12.26 -10.04 48.56
N LEU A 212 12.30 -8.72 48.64
CA LEU A 212 11.88 -8.01 49.84
C LEU A 212 10.41 -7.61 49.81
N GLY A 213 9.59 -8.28 49.00
CA GLY A 213 8.15 -8.16 49.09
C GLY A 213 7.51 -7.06 48.27
N THR A 214 8.23 -6.47 47.32
CA THR A 214 7.65 -5.44 46.46
C THR A 214 7.06 -6.12 45.23
N VAL A 215 5.78 -5.85 44.97
CA VAL A 215 5.11 -6.37 43.78
C VAL A 215 5.33 -5.39 42.64
N LEU A 216 5.81 -5.91 41.50
CA LEU A 216 6.06 -5.09 40.32
C LEU A 216 4.79 -5.05 39.48
N GLN A 217 3.84 -4.23 39.93
CA GLN A 217 2.54 -4.15 39.29
C GLN A 217 2.64 -3.42 37.95
N LEU A 218 2.07 -4.04 36.91
CA LEU A 218 1.98 -3.45 35.57
C LEU A 218 0.52 -3.03 35.36
N LYS A 219 0.18 -1.82 35.84
CA LYS A 219 -1.20 -1.35 35.72
C LYS A 219 -1.46 -0.76 34.33
N GLN A 220 -0.92 0.43 34.06
CA GLN A 220 -1.11 1.07 32.79
C GLN A 220 0.24 1.45 32.19
N PRO A 221 0.39 1.32 30.86
CA PRO A 221 1.66 1.69 30.24
C PRO A 221 1.91 3.18 30.37
N LEU A 222 3.18 3.56 30.18
CA LEU A 222 3.57 4.95 30.33
C LEU A 222 2.94 5.78 29.22
N ASN A 223 2.33 6.91 29.61
CA ASN A 223 1.69 7.79 28.65
C ASN A 223 2.70 8.73 28.03
N THR A 224 2.81 8.70 26.70
CA THR A 224 3.69 9.60 25.97
C THR A 224 2.95 10.40 24.91
N THR A 225 1.66 10.15 24.71
CA THR A 225 0.90 10.85 23.70
C THR A 225 0.37 12.20 24.18
N ARG A 226 0.34 12.44 25.49
CA ARG A 226 -0.14 13.71 26.01
C ARG A 226 0.78 14.85 25.59
N ILE A 227 0.21 16.05 25.52
CA ILE A 227 0.89 17.20 24.94
C ILE A 227 0.36 18.46 25.61
N ASN A 228 1.28 19.33 26.04
CA ASN A 228 0.88 20.69 26.36
C ASN A 228 0.53 21.41 25.06
N ALA A 229 -0.74 21.81 24.94
CA ALA A 229 -1.30 22.22 23.65
C ALA A 229 -0.48 23.30 22.94
N ALA A 230 0.33 24.06 23.66
CA ALA A 230 1.12 25.11 23.03
C ALA A 230 2.22 24.53 22.15
N GLU A 231 2.91 23.51 22.63
CA GLU A 231 4.06 22.94 21.92
C GLU A 231 3.67 21.64 21.21
N ILE A 232 2.72 21.77 20.28
CA ILE A 232 2.26 20.62 19.52
C ILE A 232 2.92 20.62 18.15
N GLU A 233 3.29 21.82 17.66
CA GLU A 233 3.96 21.89 16.36
C GLU A 233 5.28 21.14 16.38
N SER A 234 5.95 21.06 17.54
CA SER A 234 7.18 20.29 17.65
C SER A 234 6.94 18.79 17.74
N ARG A 235 5.74 18.37 18.15
CA ARG A 235 5.41 16.96 18.15
C ARG A 235 5.04 16.48 16.75
N VAL A 236 4.32 17.32 15.99
CA VAL A 236 4.01 17.00 14.60
C VAL A 236 5.30 16.82 13.81
N ARG A 237 6.36 17.52 14.20
CA ARG A 237 7.65 17.36 13.52
C ARG A 237 8.18 15.94 13.68
N GLU A 238 8.24 15.43 14.92
CA GLU A 238 8.69 14.07 15.14
C GLU A 238 7.76 13.06 14.47
N LEU A 239 6.45 13.28 14.59
CA LEU A 239 5.49 12.33 14.04
C LEU A 239 5.49 12.31 12.52
N SER A 240 5.89 13.42 11.89
CA SER A 240 5.66 13.60 10.46
C SER A 240 6.42 12.54 9.63
N LYS A 241 7.75 12.55 9.73
CA LYS A 241 8.57 11.68 8.88
C LYS A 241 9.64 10.97 9.70
N LEU A 242 9.65 9.64 9.60
CA LEU A 242 10.67 8.76 10.16
C LEU A 242 11.21 9.18 11.52
N GLN A 251 7.16 5.83 9.73
CA GLN A 251 6.32 7.00 9.99
C GLN A 251 5.85 7.05 11.44
N GLY A 252 6.13 8.17 12.11
CA GLY A 252 5.66 8.34 13.48
C GLY A 252 4.15 8.38 13.59
N PHE A 253 3.48 8.94 12.58
CA PHE A 253 2.02 8.98 12.60
C PHE A 253 1.44 7.59 12.39
N TRP A 254 2.06 6.79 11.50
CA TRP A 254 1.61 5.42 11.31
C TRP A 254 1.87 4.58 12.55
N GLU A 255 2.99 4.82 13.23
CA GLU A 255 3.30 4.07 14.44
C GLU A 255 2.27 4.35 15.54
N GLU A 256 1.83 5.60 15.65
CA GLU A 256 0.88 5.96 16.70
C GLU A 256 -0.54 5.55 16.36
N PHE A 257 -0.92 5.63 15.08
CA PHE A 257 -2.28 5.29 14.71
C PHE A 257 -2.53 3.80 14.83
N GLU A 258 -1.63 2.98 14.27
CA GLU A 258 -1.82 1.53 14.36
C GLU A 258 -1.67 1.03 15.78
N THR A 259 -0.90 1.73 16.62
CA THR A 259 -0.91 1.46 18.04
C THR A 259 -2.29 1.73 18.63
N LEU A 260 -2.93 2.82 18.21
CA LEU A 260 -4.30 3.11 18.60
C LEU A 260 -5.28 2.08 18.02
N GLN A 261 -4.95 1.56 16.84
CA GLN A 261 -5.88 0.64 16.17
C GLN A 261 -5.93 -0.72 16.86
N GLN A 262 -4.87 -1.11 17.56
CA GLN A 262 -4.85 -2.41 18.24
C GLN A 262 -5.50 -2.37 19.61
N GLN A 263 -6.18 -1.29 19.95
CA GLN A 263 -7.02 -1.22 21.14
C GLN A 263 -8.50 -1.28 20.81
N GLU A 264 -8.85 -1.37 19.51
CA GLU A 264 -10.26 -1.46 19.12
C GLU A 264 -10.90 -2.77 19.56
N CYS A 265 -10.10 -3.82 19.78
CA CYS A 265 -10.63 -5.10 20.23
C CYS A 265 -11.22 -5.05 21.63
N LYS A 266 -10.97 -3.98 22.38
CA LYS A 266 -11.60 -3.78 23.68
C LYS A 266 -12.94 -3.07 23.58
N LEU A 267 -13.31 -2.54 22.40
CA LEU A 267 -14.56 -1.81 22.24
C LEU A 267 -15.54 -2.57 21.37
N LEU A 268 -15.80 -3.83 21.71
CA LEU A 268 -16.78 -4.66 21.00
C LEU A 268 -18.07 -4.77 21.78
N TYR A 269 -18.62 -3.63 22.22
CA TYR A 269 -19.82 -3.62 23.04
C TYR A 269 -21.01 -4.14 22.24
N SER A 270 -22.09 -4.45 22.96
CA SER A 270 -23.25 -5.09 22.36
C SER A 270 -23.98 -4.13 21.42
N ARG A 271 -24.31 -4.62 20.23
CA ARG A 271 -25.08 -3.88 19.25
C ARG A 271 -26.35 -4.65 18.88
N LYS A 272 -27.01 -5.20 19.90
CA LYS A 272 -28.12 -6.11 19.63
C LYS A 272 -29.37 -5.38 19.14
N GLU A 273 -29.53 -4.11 19.52
CA GLU A 273 -30.74 -3.40 19.12
C GLU A 273 -30.74 -3.11 17.62
N GLY A 274 -29.58 -3.02 16.99
CA GLY A 274 -29.52 -2.80 15.56
C GLY A 274 -29.41 -4.05 14.72
N GLN A 275 -29.20 -5.21 15.36
CA GLN A 275 -29.01 -6.46 14.64
C GLN A 275 -30.30 -7.25 14.48
N ARG A 276 -31.44 -6.65 14.78
CA ARG A 276 -32.71 -7.37 14.77
C ARG A 276 -33.53 -7.02 13.53
N GLN A 277 -34.41 -7.95 13.15
CA GLN A 277 -35.13 -7.86 11.88
C GLN A 277 -35.88 -6.54 11.75
N GLU A 278 -36.64 -6.16 12.78
CA GLU A 278 -37.47 -4.97 12.71
C GLU A 278 -36.68 -3.68 12.57
N ASN A 279 -35.35 -3.74 12.69
CA ASN A 279 -34.50 -2.56 12.60
C ASN A 279 -33.46 -2.64 11.48
N LYS A 280 -33.42 -3.74 10.73
CA LYS A 280 -32.35 -3.91 9.75
C LYS A 280 -32.46 -2.90 8.62
N ASN A 281 -33.67 -2.62 8.15
CA ASN A 281 -33.88 -1.67 7.06
C ASN A 281 -33.77 -0.22 7.51
N LYS A 282 -33.34 0.02 8.76
CA LYS A 282 -33.11 1.36 9.26
C LYS A 282 -31.62 1.70 9.35
N ASN A 283 -30.75 0.79 8.93
CA ASN A 283 -29.32 1.03 8.86
C ASN A 283 -28.90 1.14 7.40
N ARG A 284 -28.20 2.22 7.06
CA ARG A 284 -27.68 2.34 5.70
C ARG A 284 -26.71 1.21 5.39
N TYR A 285 -25.90 0.82 6.38
CA TYR A 285 -24.99 -0.31 6.24
C TYR A 285 -25.29 -1.30 7.35
N LYS A 286 -25.54 -2.57 6.96
CA LYS A 286 -26.12 -3.54 7.88
C LYS A 286 -25.19 -3.85 9.05
N ASN A 287 -23.88 -3.73 8.87
CA ASN A 287 -22.92 -4.14 9.89
C ASN A 287 -22.26 -2.97 10.59
N ILE A 288 -22.73 -1.75 10.36
CA ILE A 288 -22.28 -0.58 11.10
C ILE A 288 -23.45 -0.15 11.98
N LEU A 289 -23.43 -0.56 13.24
CA LEU A 289 -24.57 -0.44 14.13
C LEU A 289 -24.18 0.28 15.40
N PRO A 290 -25.13 0.99 16.03
CA PRO A 290 -24.81 1.74 17.25
C PRO A 290 -24.64 0.84 18.45
N PHE A 291 -23.83 1.30 19.40
CA PHE A 291 -23.72 0.64 20.68
C PHE A 291 -25.02 0.81 21.46
N ASP A 292 -25.39 -0.23 22.20
CA ASP A 292 -26.63 -0.17 22.98
C ASP A 292 -26.53 0.83 24.12
N HIS A 293 -25.34 1.06 24.67
CA HIS A 293 -25.21 1.92 25.84
C HIS A 293 -25.18 3.40 25.51
N THR A 294 -25.09 3.76 24.23
CA THR A 294 -25.12 5.16 23.83
C THR A 294 -26.10 5.44 22.69
N ARG A 295 -26.89 4.45 22.27
CA ARG A 295 -27.83 4.65 21.18
C ARG A 295 -28.91 5.65 21.58
N VAL A 296 -29.36 6.44 20.61
CA VAL A 296 -30.42 7.41 20.83
C VAL A 296 -31.75 6.71 20.64
N VAL A 297 -32.50 6.56 21.72
CA VAL A 297 -33.80 5.91 21.67
C VAL A 297 -34.88 6.96 21.41
N LEU A 298 -35.82 6.61 20.55
CA LEU A 298 -36.98 7.44 20.27
C LEU A 298 -38.17 6.93 21.08
N HIS A 299 -39.12 7.84 21.35
CA HIS A 299 -40.19 7.56 22.30
C HIS A 299 -41.57 7.59 21.67
N ASP A 300 -42.05 8.75 21.22
CA ASP A 300 -43.43 8.87 20.78
C ASP A 300 -43.68 8.04 19.52
N GLY A 301 -44.73 7.21 19.57
CA GLY A 301 -45.10 6.37 18.45
C GLY A 301 -46.51 5.80 18.55
N SER A 308 -41.67 2.88 16.88
CA SER A 308 -40.38 2.26 17.12
C SER A 308 -39.45 3.21 17.87
N ASP A 309 -38.38 2.66 18.43
CA ASP A 309 -37.43 3.45 19.20
C ASP A 309 -36.05 3.51 18.58
N TYR A 310 -35.83 2.85 17.44
CA TYR A 310 -34.49 2.64 16.93
C TYR A 310 -34.13 3.66 15.86
N ILE A 311 -32.93 4.22 15.98
CA ILE A 311 -32.29 4.98 14.93
C ILE A 311 -30.79 4.77 15.04
N ASN A 312 -30.13 4.65 13.90
CA ASN A 312 -28.68 4.46 13.91
C ASN A 312 -27.99 5.75 14.36
N ALA A 313 -27.80 5.90 15.66
CA ALA A 313 -27.31 7.14 16.24
C ALA A 313 -26.74 6.87 17.62
N ASN A 314 -25.77 7.68 18.02
CA ASN A 314 -25.11 7.51 19.31
C ASN A 314 -24.83 8.86 19.94
N ILE A 315 -25.02 8.94 21.26
CA ILE A 315 -24.65 10.14 22.01
C ILE A 315 -23.16 10.10 22.29
N ILE A 316 -22.52 11.26 22.18
CA ILE A 316 -21.08 11.39 22.41
C ILE A 316 -20.83 12.61 23.29
N MET A 317 -19.95 12.45 24.28
CA MET A 317 -19.61 13.54 25.18
C MET A 317 -18.32 13.22 25.91
N PRO A 318 -17.39 14.18 26.05
CA PRO A 318 -16.13 13.97 26.77
C PRO A 318 -16.31 13.92 28.28
N LYS A 330 -21.11 22.66 28.96
CA LYS A 330 -20.57 21.54 28.18
C LYS A 330 -21.42 21.28 26.94
N LYS A 331 -20.82 20.63 25.94
CA LYS A 331 -21.49 20.35 24.68
C LYS A 331 -21.42 18.86 24.39
N SER A 332 -22.52 18.30 23.91
CA SER A 332 -22.61 16.90 23.50
C SER A 332 -22.82 16.80 21.99
N TYR A 333 -22.76 15.57 21.50
CA TYR A 333 -22.91 15.32 20.07
C TYR A 333 -23.80 14.10 19.85
N ILE A 334 -24.26 13.97 18.62
CA ILE A 334 -25.01 12.78 18.18
C ILE A 334 -24.48 12.42 16.79
N ALA A 335 -23.75 11.31 16.70
CA ALA A 335 -23.22 10.84 15.43
C ALA A 335 -24.26 9.93 14.78
N THR A 336 -24.86 10.42 13.70
CA THR A 336 -25.90 9.71 12.95
C THR A 336 -25.33 9.21 11.63
N GLN A 337 -26.08 8.32 10.99
CA GLN A 337 -25.77 7.88 9.65
C GLN A 337 -26.40 8.82 8.63
N GLY A 338 -26.06 8.62 7.36
CA GLY A 338 -26.76 9.29 6.29
C GLY A 338 -28.20 8.82 6.26
N CYS A 339 -29.14 9.76 6.25
CA CYS A 339 -30.54 9.41 6.41
C CYS A 339 -31.03 8.57 5.23
N LEU A 340 -31.63 7.42 5.55
CA LEU A 340 -32.33 6.63 4.57
C LEU A 340 -33.72 7.21 4.34
N GLN A 341 -34.29 6.88 3.20
CA GLN A 341 -35.63 7.38 2.88
C GLN A 341 -36.66 6.92 3.89
N ASN A 342 -36.50 5.72 4.44
CA ASN A 342 -37.45 5.15 5.40
C ASN A 342 -37.16 5.55 6.83
N THR A 343 -36.14 6.37 7.08
CA THR A 343 -35.81 6.83 8.43
C THR A 343 -35.80 8.35 8.54
N VAL A 344 -36.27 9.07 7.52
CA VAL A 344 -36.27 10.53 7.59
C VAL A 344 -37.18 11.02 8.72
N ASN A 345 -38.37 10.40 8.85
CA ASN A 345 -39.28 10.79 9.93
C ASN A 345 -38.67 10.49 11.29
N ASP A 346 -37.94 9.37 11.40
CA ASP A 346 -37.27 9.04 12.65
C ASP A 346 -36.16 10.04 12.95
N PHE A 347 -35.45 10.50 11.91
CA PHE A 347 -34.39 11.47 12.11
C PHE A 347 -34.92 12.75 12.73
N TRP A 348 -36.00 13.30 12.17
CA TRP A 348 -36.56 14.54 12.70
C TRP A 348 -37.21 14.35 14.06
N ARG A 349 -37.65 13.14 14.39
CA ARG A 349 -38.10 12.85 15.75
C ARG A 349 -36.95 12.98 16.74
N MET A 350 -35.76 12.51 16.34
CA MET A 350 -34.60 12.57 17.23
C MET A 350 -34.16 13.99 17.46
N VAL A 351 -34.11 14.81 16.41
CA VAL A 351 -33.72 16.20 16.54
C VAL A 351 -34.67 16.93 17.49
N PHE A 352 -35.97 16.63 17.40
CA PHE A 352 -36.94 17.27 18.28
C PHE A 352 -36.79 16.79 19.72
N GLN A 353 -36.64 15.47 19.90
CA GLN A 353 -36.60 14.92 21.25
C GLN A 353 -35.37 15.39 22.01
N GLU A 354 -34.21 15.41 21.35
CA GLU A 354 -32.98 15.83 21.99
C GLU A 354 -32.78 17.35 21.97
N ASN A 355 -33.77 18.10 21.49
CA ASN A 355 -33.72 19.57 21.45
C ASN A 355 -32.49 20.06 20.69
N SER A 356 -32.14 19.36 19.62
CA SER A 356 -31.00 19.76 18.80
C SER A 356 -31.34 21.02 18.01
N ARG A 357 -30.37 21.93 17.92
CA ARG A 357 -30.51 23.17 17.18
C ARG A 357 -29.44 23.35 16.11
N VAL A 358 -28.48 22.43 16.01
CA VAL A 358 -27.40 22.53 15.04
C VAL A 358 -27.20 21.15 14.41
N ILE A 359 -27.21 21.11 13.07
CA ILE A 359 -26.98 19.89 12.32
C ILE A 359 -25.76 20.10 11.44
N VAL A 360 -24.82 19.15 11.49
CA VAL A 360 -23.58 19.24 10.73
C VAL A 360 -23.59 18.11 9.71
N MET A 361 -23.74 18.48 8.43
CA MET A 361 -23.71 17.55 7.31
C MET A 361 -22.33 17.58 6.67
N THR A 362 -21.58 16.50 6.82
CA THR A 362 -20.21 16.43 6.33
C THR A 362 -20.07 15.58 5.07
N THR A 363 -21.09 15.56 4.23
CA THR A 363 -21.06 14.76 3.01
C THR A 363 -22.00 15.37 1.98
N LYS A 364 -21.84 14.96 0.74
CA LYS A 364 -22.77 15.32 -0.30
C LYS A 364 -23.91 14.30 -0.35
N GLU A 365 -24.88 14.55 -1.23
CA GLU A 365 -26.00 13.63 -1.41
C GLU A 365 -25.59 12.42 -2.23
N VAL A 366 -24.69 12.60 -3.20
CA VAL A 366 -24.21 11.52 -4.07
C VAL A 366 -22.71 11.66 -4.20
N GLU A 367 -21.97 10.63 -3.79
CA GLU A 367 -20.52 10.63 -3.88
C GLU A 367 -20.04 9.26 -4.30
N ARG A 368 -19.10 9.23 -5.25
CA ARG A 368 -18.46 8.00 -5.71
C ARG A 368 -19.47 7.01 -6.30
N GLY A 369 -20.51 7.54 -6.95
CA GLY A 369 -21.46 6.70 -7.66
C GLY A 369 -22.70 6.34 -6.88
N LYS A 370 -22.53 5.90 -5.63
CA LYS A 370 -23.64 5.46 -4.81
C LYS A 370 -24.29 6.65 -4.11
N SER A 371 -25.37 6.39 -3.39
CA SER A 371 -26.06 7.41 -2.60
C SER A 371 -25.68 7.24 -1.13
N LYS A 372 -25.37 8.36 -0.47
CA LYS A 372 -24.92 8.34 0.91
C LYS A 372 -25.81 9.10 1.87
N CYS A 373 -26.68 9.97 1.39
CA CYS A 373 -27.63 10.66 2.25
C CYS A 373 -28.82 11.12 1.40
N VAL A 374 -30.01 10.93 1.94
CA VAL A 374 -31.25 11.33 1.30
C VAL A 374 -31.55 12.78 1.68
N LYS A 375 -32.04 13.56 0.72
CA LYS A 375 -32.47 14.92 1.00
C LYS A 375 -33.58 14.93 2.05
N TYR A 376 -33.25 15.29 3.28
CA TYR A 376 -34.19 15.28 4.39
C TYR A 376 -34.67 16.67 4.76
N TRP A 377 -34.31 17.68 3.98
CA TRP A 377 -34.72 19.04 4.26
C TRP A 377 -35.54 19.60 3.10
N PRO A 378 -36.56 20.42 3.37
CA PRO A 378 -37.38 20.98 2.29
C PRO A 378 -36.61 22.02 1.50
N ASP A 379 -37.14 22.34 0.33
CA ASP A 379 -36.53 23.36 -0.53
C ASP A 379 -36.63 24.73 0.13
N GLU A 380 -35.82 25.67 -0.37
CA GLU A 380 -35.79 27.01 0.21
C GLU A 380 -37.16 27.67 0.08
N TYR A 381 -37.58 28.34 1.16
CA TYR A 381 -38.88 28.99 1.27
C TYR A 381 -40.03 27.99 1.18
N ALA A 382 -39.75 26.71 1.40
CA ALA A 382 -40.76 25.67 1.30
C ALA A 382 -40.97 25.00 2.65
N LEU A 383 -42.13 24.37 2.80
CA LEU A 383 -42.53 23.71 4.02
C LEU A 383 -42.93 22.27 3.71
N LYS A 384 -42.36 21.33 4.45
CA LYS A 384 -42.64 19.92 4.26
C LYS A 384 -42.98 19.29 5.60
N GLU A 385 -43.76 18.21 5.56
CA GLU A 385 -44.15 17.47 6.74
C GLU A 385 -43.49 16.09 6.70
N TYR A 386 -42.70 15.79 7.73
CA TYR A 386 -42.00 14.51 7.86
C TYR A 386 -42.65 13.76 9.04
N GLY A 387 -43.72 13.02 8.74
CA GLY A 387 -44.43 12.33 9.80
C GLY A 387 -45.13 13.33 10.71
N VAL A 388 -44.93 13.17 12.02
CA VAL A 388 -45.48 14.13 12.98
C VAL A 388 -44.69 15.42 13.00
N MET A 389 -43.52 15.45 12.37
CA MET A 389 -42.66 16.62 12.38
C MET A 389 -42.94 17.51 11.19
N ARG A 390 -42.47 18.77 11.28
CA ARG A 390 -42.69 19.76 10.24
C ARG A 390 -41.47 20.66 10.16
N VAL A 391 -40.94 20.84 8.96
CA VAL A 391 -39.73 21.64 8.75
C VAL A 391 -40.00 22.68 7.68
N ARG A 392 -39.54 23.91 7.94
CA ARG A 392 -39.63 25.00 6.97
C ARG A 392 -38.22 25.54 6.72
N ASN A 393 -37.78 25.48 5.48
CA ASN A 393 -36.49 26.03 5.07
C ASN A 393 -36.69 27.50 4.78
N VAL A 394 -36.33 28.36 5.72
CA VAL A 394 -36.66 29.78 5.57
C VAL A 394 -35.60 30.49 4.71
N LYS A 395 -34.33 30.16 4.87
CA LYS A 395 -33.25 30.88 4.19
C LYS A 395 -32.04 29.96 4.06
N GLU A 396 -31.39 30.03 2.90
CA GLU A 396 -30.14 29.32 2.66
C GLU A 396 -29.04 30.33 2.38
N SER A 397 -27.87 30.09 2.97
CA SER A 397 -26.73 30.99 2.82
C SER A 397 -25.54 30.19 2.31
N ALA A 398 -25.08 30.52 1.12
CA ALA A 398 -23.98 29.79 0.49
C ALA A 398 -22.65 30.45 0.85
N ALA A 399 -21.76 29.68 1.48
CA ALA A 399 -20.40 30.11 1.74
C ALA A 399 -19.46 29.43 0.76
N HIS A 400 -18.16 29.65 0.93
CA HIS A 400 -17.18 29.03 0.04
C HIS A 400 -17.10 27.53 0.29
N ASP A 401 -16.84 27.14 1.54
CA ASP A 401 -16.68 25.72 1.85
C ASP A 401 -18.02 25.02 2.03
N TYR A 402 -19.00 25.69 2.62
CA TYR A 402 -20.24 25.07 3.03
C TYR A 402 -21.43 25.91 2.56
N THR A 403 -22.64 25.40 2.83
CA THR A 403 -23.87 26.15 2.66
C THR A 403 -24.72 25.94 3.91
N LEU A 404 -25.28 27.01 4.45
CA LEU A 404 -26.05 26.97 5.69
C LEU A 404 -27.53 27.08 5.39
N ARG A 405 -28.34 26.35 6.15
CA ARG A 405 -29.79 26.36 6.00
C ARG A 405 -30.43 26.63 7.35
N GLU A 406 -31.18 27.72 7.45
CA GLU A 406 -31.96 28.02 8.65
C GLU A 406 -33.32 27.36 8.49
N LEU A 407 -33.54 26.27 9.23
CA LEU A 407 -34.79 25.53 9.19
C LEU A 407 -35.58 25.76 10.47
N LYS A 408 -36.90 25.60 10.38
CA LYS A 408 -37.80 25.77 11.52
C LYS A 408 -38.52 24.46 11.77
N LEU A 409 -38.24 23.84 12.92
CA LEU A 409 -38.74 22.51 13.26
C LEU A 409 -39.90 22.62 14.22
N SER A 410 -41.06 22.11 13.82
CA SER A 410 -42.27 22.13 14.65
C SER A 410 -42.96 20.78 14.57
N LYS A 411 -43.81 20.51 15.55
CA LYS A 411 -44.56 19.26 15.64
C LYS A 411 -46.02 19.49 15.28
N VAL A 412 -46.60 18.53 14.57
CA VAL A 412 -47.99 18.63 14.15
C VAL A 412 -48.89 18.50 15.37
N GLY A 413 -49.82 19.45 15.52
CA GLY A 413 -50.78 19.41 16.60
C GLY A 413 -50.53 20.47 17.67
N GLN A 414 -49.33 20.50 18.20
CA GLN A 414 -48.98 21.43 19.27
C GLN A 414 -48.73 22.82 18.70
N GLY A 415 -49.36 23.83 19.30
CA GLY A 415 -49.20 25.19 18.83
C GLY A 415 -47.93 25.82 19.40
N ASN A 416 -47.31 26.66 18.58
CA ASN A 416 -46.14 27.45 18.99
C ASN A 416 -44.99 26.55 19.46
N THR A 417 -44.64 25.58 18.64
CA THR A 417 -43.41 24.80 18.83
C THR A 417 -42.29 25.53 18.10
N GLU A 418 -41.33 26.05 18.86
CA GLU A 418 -40.29 26.93 18.33
C GLU A 418 -39.26 26.16 17.52
N ARG A 419 -38.03 26.09 18.04
CA ARG A 419 -36.92 25.37 17.42
C ARG A 419 -36.52 25.96 16.08
N THR A 420 -35.37 26.62 16.05
CA THR A 420 -34.71 27.04 14.81
C THR A 420 -33.49 26.16 14.66
N VAL A 421 -33.58 25.18 13.76
CA VAL A 421 -32.50 24.23 13.54
C VAL A 421 -31.63 24.76 12.39
N TRP A 422 -30.33 24.87 12.64
CA TRP A 422 -29.38 25.38 11.66
C TRP A 422 -28.60 24.21 11.08
N GLN A 423 -28.72 24.00 9.77
CA GLN A 423 -28.06 22.91 9.09
C GLN A 423 -26.83 23.43 8.37
N TYR A 424 -25.66 22.89 8.72
CA TYR A 424 -24.38 23.28 8.13
C TYR A 424 -23.93 22.15 7.22
N HIS A 425 -23.92 22.40 5.92
CA HIS A 425 -23.65 21.38 4.91
C HIS A 425 -22.27 21.64 4.29
N PHE A 426 -21.27 20.89 4.75
CA PHE A 426 -19.92 20.98 4.21
C PHE A 426 -19.86 20.25 2.88
N ARG A 427 -19.43 20.96 1.81
CA ARG A 427 -19.36 20.37 0.48
C ARG A 427 -17.98 20.34 -0.13
N THR A 428 -16.97 20.93 0.50
CA THR A 428 -15.61 20.91 -0.04
C THR A 428 -14.82 19.68 0.38
N TRP A 429 -15.43 18.77 1.13
CA TRP A 429 -14.73 17.54 1.52
C TRP A 429 -14.61 16.64 0.30
N PRO A 430 -13.42 16.08 0.03
CA PRO A 430 -13.25 15.27 -1.18
C PRO A 430 -13.89 13.91 -1.02
N ASP A 431 -13.94 13.18 -2.14
CA ASP A 431 -14.49 11.82 -2.12
C ASP A 431 -13.54 10.85 -1.43
N HIS A 432 -12.27 10.86 -1.83
CA HIS A 432 -11.24 10.03 -1.23
C HIS A 432 -10.34 10.90 -0.35
N GLY A 433 -9.89 10.33 0.77
CA GLY A 433 -8.94 10.99 1.62
C GLY A 433 -9.53 12.15 2.41
N VAL A 434 -8.65 13.06 2.80
CA VAL A 434 -9.00 14.21 3.63
C VAL A 434 -8.59 15.47 2.89
N PRO A 435 -9.14 16.63 3.25
CA PRO A 435 -8.67 17.89 2.67
C PRO A 435 -7.20 18.12 2.97
N SER A 436 -6.54 18.83 2.06
CA SER A 436 -5.11 19.11 2.19
C SER A 436 -4.81 20.32 3.06
N ASP A 437 -5.84 21.08 3.46
CA ASP A 437 -5.65 22.26 4.30
C ASP A 437 -6.68 22.28 5.40
N PRO A 438 -6.27 22.33 6.67
CA PRO A 438 -7.25 22.31 7.77
C PRO A 438 -8.08 23.58 7.87
N GLY A 439 -7.63 24.69 7.28
CA GLY A 439 -8.32 25.96 7.48
C GLY A 439 -9.75 25.95 7.02
N GLY A 440 -10.08 25.17 5.99
CA GLY A 440 -11.44 25.12 5.51
C GLY A 440 -12.41 24.58 6.55
N VAL A 441 -12.04 23.45 7.18
CA VAL A 441 -12.90 22.85 8.19
C VAL A 441 -12.92 23.71 9.45
N LEU A 442 -11.79 24.32 9.80
CA LEU A 442 -11.72 25.12 11.02
C LEU A 442 -12.58 26.37 10.91
N ASP A 443 -12.62 27.01 9.75
CA ASP A 443 -13.59 28.08 9.52
C ASP A 443 -15.01 27.56 9.67
N PHE A 444 -15.29 26.39 9.08
CA PHE A 444 -16.62 25.80 9.16
C PHE A 444 -16.99 25.44 10.60
N LEU A 445 -16.02 24.93 11.36
CA LEU A 445 -16.31 24.44 12.71
C LEU A 445 -16.43 25.56 13.72
N GLU A 446 -15.70 26.66 13.54
CA GLU A 446 -15.80 27.78 14.46
C GLU A 446 -17.16 28.46 14.36
N GLU A 447 -17.70 28.56 13.14
CA GLU A 447 -19.02 29.13 12.97
C GLU A 447 -20.09 28.25 13.62
N VAL A 448 -19.92 26.93 13.55
CA VAL A 448 -20.88 26.01 14.15
C VAL A 448 -20.86 26.16 15.67
N HIS A 449 -19.67 26.29 16.26
CA HIS A 449 -19.56 26.42 17.71
C HIS A 449 -20.22 27.70 18.21
N HIS A 450 -20.04 28.82 17.49
CA HIS A 450 -20.66 30.07 17.89
C HIS A 450 -22.18 29.98 17.85
N LYS A 451 -22.71 29.34 16.81
CA LYS A 451 -24.16 29.17 16.71
C LYS A 451 -24.69 28.31 17.84
N GLN A 452 -23.94 27.27 18.24
CA GLN A 452 -24.38 26.41 19.33
C GLN A 452 -24.42 27.17 20.65
N GLU A 453 -23.39 27.99 20.92
CA GLU A 453 -23.35 28.77 22.15
C GLU A 453 -24.34 29.93 22.13
N SER A 454 -24.76 30.39 20.95
CA SER A 454 -25.71 31.48 20.89
C SER A 454 -27.09 31.04 21.40
N ILE A 455 -27.50 29.82 21.07
CA ILE A 455 -28.81 29.32 21.45
C ILE A 455 -28.75 28.88 22.91
N MET A 456 -29.55 29.54 23.75
CA MET A 456 -29.57 29.20 25.17
C MET A 456 -30.17 27.81 25.38
N ASP A 457 -29.40 26.93 26.00
CA ASP A 457 -29.81 25.56 26.33
C ASP A 457 -30.23 24.81 25.06
N ALA A 458 -29.22 24.43 24.30
CA ALA A 458 -29.40 23.68 23.07
C ALA A 458 -28.93 22.24 23.28
N GLY A 459 -29.61 21.31 22.62
CA GLY A 459 -29.27 19.91 22.70
C GLY A 459 -27.95 19.60 22.02
N PRO A 460 -27.69 18.31 21.82
CA PRO A 460 -26.44 17.91 21.18
C PRO A 460 -26.34 18.42 19.75
N VAL A 461 -25.11 18.54 19.28
CA VAL A 461 -24.85 18.91 17.89
C VAL A 461 -24.88 17.64 17.05
N VAL A 462 -25.81 17.60 16.09
CA VAL A 462 -25.98 16.42 15.25
C VAL A 462 -24.94 16.47 14.14
N VAL A 463 -24.15 15.41 14.02
CA VAL A 463 -23.14 15.28 12.98
C VAL A 463 -23.39 13.99 12.22
N HIS A 464 -23.26 14.03 10.90
CA HIS A 464 -23.50 12.84 10.10
C HIS A 464 -22.82 12.97 8.74
N CYS A 465 -22.37 11.83 8.22
CA CYS A 465 -21.83 11.72 6.87
C CYS A 465 -22.51 10.56 6.15
N SER A 466 -21.73 9.67 5.55
CA SER A 466 -22.27 8.47 4.94
C SER A 466 -22.67 7.46 6.01
N ALA A 467 -21.69 6.75 6.56
CA ALA A 467 -21.94 5.82 7.65
C ALA A 467 -21.91 6.49 9.02
N GLY A 468 -21.38 7.70 9.11
CA GLY A 468 -21.38 8.43 10.38
C GLY A 468 -20.33 7.98 11.37
N ILE A 469 -19.17 7.55 10.90
CA ILE A 469 -18.10 7.12 11.80
C ILE A 469 -16.78 7.75 11.40
N GLY A 470 -16.55 7.87 10.10
CA GLY A 470 -15.29 8.40 9.59
C GLY A 470 -15.21 9.91 9.62
N ARG A 471 -15.85 10.56 8.64
CA ARG A 471 -15.82 12.01 8.56
C ARG A 471 -16.36 12.64 9.84
N THR A 472 -17.52 12.18 10.31
CA THR A 472 -18.08 12.72 11.55
C THR A 472 -17.16 12.44 12.73
N GLY A 473 -16.55 11.25 12.76
CA GLY A 473 -15.57 10.96 13.79
C GLY A 473 -14.41 11.94 13.77
N THR A 474 -13.91 12.25 12.57
CA THR A 474 -12.89 13.27 12.44
C THR A 474 -13.42 14.65 12.85
N PHE A 475 -14.67 14.96 12.51
CA PHE A 475 -15.24 16.26 12.85
C PHE A 475 -15.42 16.41 14.35
N ILE A 476 -16.01 15.41 15.00
CA ILE A 476 -16.33 15.52 16.42
C ILE A 476 -15.05 15.60 17.25
N VAL A 477 -14.06 14.78 16.92
CA VAL A 477 -12.81 14.80 17.67
C VAL A 477 -12.15 16.17 17.56
N ILE A 478 -12.12 16.75 16.36
CA ILE A 478 -11.51 18.06 16.17
C ILE A 478 -12.23 19.11 17.00
N ASP A 479 -13.56 19.04 17.07
CA ASP A 479 -14.31 20.00 17.87
C ASP A 479 -14.09 19.78 19.36
N ILE A 480 -13.86 18.54 19.79
CA ILE A 480 -13.62 18.28 21.20
C ILE A 480 -12.27 18.84 21.63
N LEU A 481 -11.25 18.67 20.78
CA LEU A 481 -9.91 19.12 21.14
C LEU A 481 -9.81 20.64 21.13
N ILE A 482 -10.50 21.30 20.19
CA ILE A 482 -10.41 22.75 20.10
C ILE A 482 -11.12 23.41 21.27
N ASP A 483 -12.25 22.84 21.70
CA ASP A 483 -13.00 23.44 22.80
C ASP A 483 -12.23 23.42 24.11
N ILE A 484 -11.29 22.47 24.26
CA ILE A 484 -10.45 22.47 25.45
C ILE A 484 -9.42 23.59 25.39
N ILE A 485 -8.82 23.79 24.21
CA ILE A 485 -7.92 24.93 24.01
C ILE A 485 -8.67 26.24 23.92
N ARG A 486 -9.99 26.19 23.71
CA ARG A 486 -10.80 27.40 23.72
C ARG A 486 -11.13 27.88 25.12
N GLU A 487 -11.13 26.99 26.10
CA GLU A 487 -11.47 27.35 27.48
C GLU A 487 -10.22 27.54 28.34
N LYS A 488 -9.54 26.44 28.67
CA LYS A 488 -8.39 26.48 29.56
C LYS A 488 -7.18 27.19 28.95
N GLY A 489 -7.23 27.55 27.68
CA GLY A 489 -6.18 28.34 27.08
C GLY A 489 -5.17 27.52 26.31
N VAL A 490 -4.11 28.21 25.89
CA VAL A 490 -3.10 27.60 25.04
C VAL A 490 -2.23 26.63 25.83
N ASP A 491 -2.02 26.91 27.12
CA ASP A 491 -1.13 26.08 27.95
C ASP A 491 -1.88 24.97 28.67
N CYS A 492 -2.80 24.30 27.98
CA CYS A 492 -3.48 23.13 28.50
C CYS A 492 -2.91 21.87 27.86
N ASP A 493 -3.38 20.72 28.33
CA ASP A 493 -2.86 19.43 27.89
C ASP A 493 -3.93 18.70 27.06
N ILE A 494 -3.55 18.31 25.85
CA ILE A 494 -4.42 17.57 24.95
C ILE A 494 -3.85 16.17 24.75
N ASP A 495 -4.72 15.25 24.30
CA ASP A 495 -4.33 13.86 24.08
C ASP A 495 -5.18 13.31 22.95
N VAL A 496 -4.67 13.45 21.71
CA VAL A 496 -5.42 13.00 20.54
C VAL A 496 -5.76 11.51 20.61
N PRO A 497 -4.80 10.59 20.86
CA PRO A 497 -5.18 9.17 20.91
C PRO A 497 -6.16 8.85 22.04
N LYS A 498 -6.03 9.51 23.19
CA LYS A 498 -6.96 9.23 24.28
C LYS A 498 -8.34 9.81 23.98
N THR A 499 -8.41 10.94 23.29
CA THR A 499 -9.70 11.52 22.93
C THR A 499 -10.43 10.62 21.94
N ILE A 500 -9.70 10.01 21.00
CA ILE A 500 -10.33 9.20 19.97
C ILE A 500 -10.91 7.91 20.58
N GLN A 501 -10.15 7.25 21.45
CA GLN A 501 -10.67 6.02 22.06
C GLN A 501 -11.80 6.31 23.02
N MET A 502 -11.79 7.47 23.68
CA MET A 502 -12.92 7.86 24.51
C MET A 502 -14.20 7.99 23.68
N VAL A 503 -14.07 8.54 22.47
CA VAL A 503 -15.22 8.63 21.56
C VAL A 503 -15.52 7.29 20.93
N ARG A 504 -14.47 6.53 20.58
CA ARG A 504 -14.65 5.19 20.01
C ARG A 504 -15.34 4.23 20.95
N SER A 505 -15.44 4.55 22.24
CA SER A 505 -16.22 3.75 23.17
C SER A 505 -17.71 4.04 23.09
N GLN A 506 -18.11 5.15 22.46
CA GLN A 506 -19.52 5.51 22.36
C GLN A 506 -20.11 5.24 20.98
N ARG A 507 -19.29 5.21 19.93
CA ARG A 507 -19.73 4.80 18.61
C ARG A 507 -18.60 4.05 17.92
N SER A 508 -18.96 2.96 17.24
CA SER A 508 -17.96 2.06 16.66
C SER A 508 -17.10 2.77 15.63
N GLY A 509 -15.79 2.61 15.76
CA GLY A 509 -14.87 3.03 14.71
C GLY A 509 -14.83 4.51 14.41
N MET A 510 -14.98 5.35 15.43
CA MET A 510 -14.83 6.79 15.22
C MET A 510 -13.40 7.10 14.77
N VAL A 511 -13.29 7.92 13.73
CA VAL A 511 -12.04 8.18 13.00
C VAL A 511 -11.60 6.88 12.32
N GLN A 512 -11.54 6.89 10.99
CA GLN A 512 -11.34 5.67 10.22
C GLN A 512 -9.89 5.48 9.78
N THR A 513 -9.32 6.46 9.08
CA THR A 513 -8.02 6.29 8.44
C THR A 513 -6.91 6.99 9.22
N GLU A 514 -5.68 6.66 8.83
CA GLU A 514 -4.52 7.37 9.35
C GLU A 514 -4.46 8.80 8.81
N ALA A 515 -4.93 9.01 7.58
CA ALA A 515 -4.98 10.37 7.03
C ALA A 515 -5.98 11.23 7.81
N GLN A 516 -7.07 10.63 8.28
CA GLN A 516 -7.97 11.36 9.17
C GLN A 516 -7.32 11.60 10.53
N TYR A 517 -6.59 10.61 11.04
CA TYR A 517 -5.84 10.79 12.28
C TYR A 517 -4.80 11.89 12.14
N ARG A 518 -4.06 11.89 11.03
CA ARG A 518 -3.07 12.94 10.79
C ARG A 518 -3.76 14.30 10.60
N PHE A 519 -4.90 14.31 9.90
CA PHE A 519 -5.62 15.56 9.68
C PHE A 519 -6.08 16.19 10.99
N ILE A 520 -6.37 15.38 12.00
CA ILE A 520 -6.75 15.91 13.30
C ILE A 520 -5.59 16.67 13.92
N TYR A 521 -4.37 16.14 13.81
CA TYR A 521 -3.21 16.83 14.32
C TYR A 521 -2.97 18.14 13.58
N MET A 522 -3.07 18.12 12.24
CA MET A 522 -2.91 19.34 11.47
C MET A 522 -4.00 20.35 11.80
N ALA A 523 -5.22 19.89 12.09
CA ALA A 523 -6.30 20.80 12.44
C ALA A 523 -5.99 21.53 13.74
N VAL A 524 -5.46 20.83 14.74
CA VAL A 524 -5.15 21.46 16.01
C VAL A 524 -3.95 22.39 15.87
N GLN A 525 -2.96 22.00 15.06
CA GLN A 525 -1.78 22.84 14.88
C GLN A 525 -2.15 24.15 14.21
N HIS A 526 -2.99 24.10 13.18
CA HIS A 526 -3.42 25.31 12.49
C HIS A 526 -4.24 26.21 13.41
N TYR A 527 -4.89 25.64 14.41
CA TYR A 527 -5.67 26.45 15.35
C TYR A 527 -4.78 27.24 16.28
N ILE A 528 -3.64 26.67 16.68
CA ILE A 528 -2.73 27.36 17.58
C ILE A 528 -2.00 28.48 16.85
N GLU A 529 -1.62 28.24 15.58
CA GLU A 529 -0.86 29.23 14.83
C GLU A 529 -1.67 30.48 14.50
N THR A 530 -3.00 30.41 14.57
CA THR A 530 -3.82 31.60 14.40
C THR A 530 -3.99 32.40 15.68
N LEU A 531 -3.53 31.87 16.82
CA LEU A 531 -3.62 32.58 18.08
C LEU A 531 -2.31 33.35 18.35
N SER B 9 15.25 -20.39 -11.76
CA SER B 9 16.40 -19.58 -11.36
C SER B 9 17.00 -18.84 -12.56
N ARG B 10 16.44 -19.11 -13.73
CA ARG B 10 16.89 -18.52 -15.00
C ARG B 10 18.39 -18.76 -15.21
N ARG B 11 18.81 -20.00 -15.04
CA ARG B 11 20.16 -20.41 -15.37
C ARG B 11 20.29 -20.92 -16.81
N TRP B 12 19.15 -21.13 -17.49
CA TRP B 12 19.14 -21.58 -18.87
C TRP B 12 19.50 -20.49 -19.86
N PHE B 13 19.68 -19.25 -19.41
CA PHE B 13 20.02 -18.13 -20.29
C PHE B 13 21.54 -18.03 -20.37
N HIS B 14 22.08 -18.16 -21.57
CA HIS B 14 23.51 -18.01 -21.79
C HIS B 14 23.77 -16.64 -22.39
N PRO B 15 24.34 -15.69 -21.65
CA PRO B 15 24.44 -14.33 -22.20
C PRO B 15 25.53 -14.17 -23.24
N ASN B 16 26.66 -14.85 -23.08
CA ASN B 16 27.79 -14.66 -23.99
C ASN B 16 28.06 -15.94 -24.76
N ILE B 17 27.04 -16.46 -25.43
CA ILE B 17 27.13 -17.68 -26.21
C ILE B 17 26.83 -17.33 -27.66
N THR B 18 27.40 -18.10 -28.57
CA THR B 18 27.10 -17.96 -29.98
C THR B 18 26.27 -19.15 -30.46
N GLY B 19 25.78 -19.04 -31.70
CA GLY B 19 24.93 -20.08 -32.25
C GLY B 19 25.65 -21.42 -32.38
N VAL B 20 26.97 -21.39 -32.60
CA VAL B 20 27.71 -22.63 -32.77
C VAL B 20 27.98 -23.29 -31.42
N GLU B 21 28.34 -22.50 -30.41
CA GLU B 21 28.56 -23.06 -29.07
C GLU B 21 27.26 -23.61 -28.49
N ALA B 22 26.11 -23.04 -28.85
CA ALA B 22 24.85 -23.56 -28.32
C ALA B 22 24.52 -24.92 -28.93
N GLU B 23 24.72 -25.08 -30.24
CA GLU B 23 24.43 -26.36 -30.88
C GLU B 23 25.39 -27.43 -30.37
N ASN B 24 26.67 -27.10 -30.23
CA ASN B 24 27.63 -28.05 -29.69
C ASN B 24 27.27 -28.41 -28.25
N LEU B 25 26.89 -27.42 -27.44
CA LEU B 25 26.53 -27.69 -26.06
C LEU B 25 25.31 -28.62 -25.97
N LEU B 26 24.23 -28.28 -26.69
CA LEU B 26 23.01 -29.08 -26.66
C LEU B 26 23.23 -30.47 -27.25
N LEU B 27 24.26 -30.65 -28.07
CA LEU B 27 24.58 -31.95 -28.62
C LEU B 27 25.56 -32.72 -27.75
N THR B 28 26.39 -32.03 -26.97
CA THR B 28 27.43 -32.69 -26.18
C THR B 28 26.97 -32.97 -24.75
N ARG B 29 26.46 -31.94 -24.07
CA ARG B 29 26.06 -32.06 -22.68
C ARG B 29 24.55 -32.00 -22.50
N GLY B 30 23.78 -32.33 -23.54
CA GLY B 30 22.34 -32.28 -23.47
C GLY B 30 21.71 -33.54 -24.04
N VAL B 31 20.40 -33.65 -23.83
CA VAL B 31 19.61 -34.78 -24.29
C VAL B 31 18.31 -34.24 -24.90
N ASP B 32 17.65 -35.09 -25.67
CA ASP B 32 16.38 -34.72 -26.31
C ASP B 32 15.41 -34.15 -25.28
N GLY B 33 15.14 -32.86 -25.38
CA GLY B 33 14.41 -32.12 -24.38
C GLY B 33 15.22 -31.01 -23.75
N SER B 34 16.54 -31.07 -23.86
CA SER B 34 17.40 -30.00 -23.34
C SER B 34 17.24 -28.75 -24.19
N PHE B 35 17.40 -27.60 -23.55
CA PHE B 35 17.22 -26.33 -24.24
C PHE B 35 18.03 -25.25 -23.55
N LEU B 36 18.15 -24.11 -24.22
CA LEU B 36 18.77 -22.92 -23.63
C LEU B 36 18.32 -21.70 -24.43
N ALA B 37 18.33 -20.55 -23.77
CA ALA B 37 17.97 -19.29 -24.38
C ALA B 37 19.22 -18.45 -24.58
N ARG B 38 19.37 -17.85 -25.76
CA ARG B 38 20.54 -17.07 -26.09
C ARG B 38 20.13 -15.78 -26.79
N PRO B 39 20.78 -14.67 -26.47
CA PRO B 39 20.49 -13.42 -27.19
C PRO B 39 21.15 -13.45 -28.56
N SER B 40 20.37 -13.12 -29.60
CA SER B 40 20.95 -12.96 -30.92
C SER B 40 21.93 -11.80 -30.90
N LYS B 41 23.22 -12.11 -30.74
CA LYS B 41 24.25 -11.08 -30.71
C LYS B 41 24.26 -10.23 -31.98
N SER B 42 23.54 -10.65 -33.02
CA SER B 42 23.39 -9.87 -34.24
C SER B 42 22.41 -8.72 -34.04
N ASN B 43 21.11 -9.02 -34.16
CA ASN B 43 20.06 -8.01 -34.09
C ASN B 43 19.82 -7.57 -32.65
N PRO B 44 19.43 -6.31 -32.44
CA PRO B 44 19.12 -5.85 -31.08
C PRO B 44 17.76 -6.32 -30.61
N GLY B 45 17.67 -6.59 -29.31
CA GLY B 45 16.44 -7.10 -28.74
C GLY B 45 15.98 -8.41 -29.31
N ASP B 46 16.89 -9.22 -29.86
CA ASP B 46 16.56 -10.47 -30.50
C ASP B 46 17.13 -11.63 -29.70
N PHE B 47 16.32 -12.67 -29.52
CA PHE B 47 16.70 -13.85 -28.75
C PHE B 47 16.22 -15.10 -29.47
N THR B 48 16.96 -16.18 -29.30
CA THR B 48 16.61 -17.46 -29.91
C THR B 48 16.54 -18.53 -28.83
N LEU B 49 15.53 -19.39 -28.93
CA LEU B 49 15.36 -20.51 -28.02
C LEU B 49 15.84 -21.77 -28.73
N SER B 50 17.05 -22.21 -28.40
CA SER B 50 17.64 -23.39 -29.01
C SER B 50 17.19 -24.62 -28.24
N VAL B 51 16.47 -25.51 -28.91
CA VAL B 51 15.90 -26.71 -28.30
C VAL B 51 16.48 -27.94 -29.00
N ARG B 52 16.86 -28.93 -28.22
CA ARG B 52 17.36 -30.19 -28.76
C ARG B 52 16.20 -31.19 -28.86
N ARG B 53 16.05 -31.78 -30.05
CA ARG B 53 15.07 -32.83 -30.24
C ARG B 53 15.50 -33.68 -31.42
N ASN B 54 15.31 -35.00 -31.29
CA ASN B 54 15.60 -35.96 -32.36
C ASN B 54 17.06 -35.88 -32.81
N GLY B 55 17.98 -35.72 -31.86
CA GLY B 55 19.38 -35.69 -32.19
C GLY B 55 19.84 -34.46 -32.95
N ALA B 56 19.00 -33.45 -33.07
CA ALA B 56 19.35 -32.20 -33.72
C ALA B 56 18.93 -31.04 -32.82
N VAL B 57 19.41 -29.85 -33.16
CA VAL B 57 19.07 -28.63 -32.44
C VAL B 57 18.18 -27.79 -33.34
N THR B 58 17.13 -27.22 -32.75
CA THR B 58 16.25 -26.27 -33.43
C THR B 58 16.28 -24.96 -32.69
N HIS B 59 16.45 -23.86 -33.43
CA HIS B 59 16.46 -22.53 -32.87
C HIS B 59 15.20 -21.79 -33.32
N ILE B 60 14.35 -21.43 -32.37
CA ILE B 60 13.15 -20.65 -32.62
C ILE B 60 13.37 -19.24 -32.08
N LYS B 61 12.97 -18.25 -32.87
CA LYS B 61 13.35 -16.86 -32.62
C LYS B 61 12.36 -16.16 -31.69
N ILE B 62 12.88 -15.20 -30.93
CA ILE B 62 12.06 -14.30 -30.11
C ILE B 62 12.54 -12.88 -30.37
N GLN B 63 11.65 -12.05 -30.90
CA GLN B 63 11.92 -10.64 -31.13
C GLN B 63 11.19 -9.81 -30.08
N ASN B 64 11.91 -8.86 -29.48
CA ASN B 64 11.33 -7.91 -28.54
C ASN B 64 11.63 -6.51 -29.08
N THR B 65 10.67 -5.94 -29.81
CA THR B 65 10.84 -4.60 -30.35
C THR B 65 10.71 -3.52 -29.29
N GLY B 66 10.23 -3.85 -28.10
CA GLY B 66 10.10 -2.88 -27.04
C GLY B 66 8.77 -2.95 -26.32
N ASP B 67 7.87 -3.81 -26.79
CA ASP B 67 6.54 -3.93 -26.22
C ASP B 67 6.29 -5.28 -25.55
N TYR B 68 6.82 -6.37 -26.10
CA TYR B 68 6.62 -7.71 -25.55
C TYR B 68 7.61 -8.66 -26.23
N TYR B 69 7.65 -9.88 -25.71
CA TYR B 69 8.48 -10.95 -26.27
C TYR B 69 7.62 -11.80 -27.19
N ASP B 70 8.00 -11.87 -28.47
CA ASP B 70 7.21 -12.58 -29.48
C ASP B 70 7.92 -13.88 -29.84
N LEU B 71 7.48 -14.99 -29.25
CA LEU B 71 7.90 -16.32 -29.67
C LEU B 71 7.28 -16.60 -31.03
N TYR B 72 8.10 -16.65 -32.08
CA TYR B 72 7.56 -16.57 -33.42
C TYR B 72 6.77 -17.82 -33.81
N GLY B 73 7.07 -18.96 -33.21
CA GLY B 73 6.20 -20.11 -33.44
C GLY B 73 5.03 -20.20 -32.49
N GLY B 74 5.01 -19.36 -31.45
CA GLY B 74 3.98 -19.42 -30.43
C GLY B 74 3.28 -18.11 -30.17
N GLU B 75 3.20 -17.73 -28.89
CA GLU B 75 2.43 -16.57 -28.44
C GLU B 75 3.36 -15.48 -27.93
N LYS B 76 2.79 -14.50 -27.23
CA LYS B 76 3.49 -13.32 -26.76
C LYS B 76 3.49 -13.29 -25.23
N PHE B 77 4.65 -13.01 -24.64
CA PHE B 77 4.85 -13.08 -23.20
C PHE B 77 5.51 -11.81 -22.70
N ALA B 78 5.47 -11.63 -21.38
CA ALA B 78 6.01 -10.42 -20.77
C ALA B 78 7.52 -10.51 -20.56
N THR B 79 7.98 -11.59 -19.94
CA THR B 79 9.40 -11.82 -19.72
C THR B 79 9.81 -13.16 -20.33
N LEU B 80 11.11 -13.39 -20.40
CA LEU B 80 11.60 -14.66 -20.89
C LEU B 80 11.35 -15.79 -19.90
N ALA B 81 11.30 -15.48 -18.60
CA ALA B 81 11.01 -16.50 -17.60
C ALA B 81 9.57 -17.00 -17.72
N GLU B 82 8.61 -16.08 -17.81
CA GLU B 82 7.22 -16.49 -17.94
C GLU B 82 6.97 -17.21 -19.25
N LEU B 83 7.78 -16.93 -20.28
CA LEU B 83 7.69 -17.68 -21.53
C LEU B 83 8.05 -19.13 -21.31
N VAL B 84 9.24 -19.38 -20.76
CA VAL B 84 9.71 -20.74 -20.53
C VAL B 84 8.84 -21.44 -19.49
N GLN B 85 8.43 -20.71 -18.44
CA GLN B 85 7.53 -21.28 -17.44
C GLN B 85 6.21 -21.72 -18.07
N TYR B 86 5.77 -21.03 -19.13
CA TYR B 86 4.50 -21.39 -19.77
C TYR B 86 4.60 -22.71 -20.52
N TYR B 87 5.71 -22.94 -21.21
CA TYR B 87 5.85 -24.14 -22.02
C TYR B 87 6.37 -25.34 -21.24
N MET B 88 7.13 -25.10 -20.17
CA MET B 88 7.66 -26.22 -19.38
C MET B 88 6.62 -26.78 -18.42
N GLU B 89 5.68 -25.94 -17.96
CA GLU B 89 4.65 -26.42 -17.04
C GLU B 89 3.68 -27.35 -17.76
N HIS B 90 3.07 -26.87 -18.84
CA HIS B 90 2.16 -27.68 -19.64
C HIS B 90 2.65 -27.66 -21.08
N HIS B 91 3.00 -28.84 -21.60
CA HIS B 91 3.46 -28.96 -22.98
C HIS B 91 2.27 -29.08 -23.92
N GLY B 92 2.56 -28.97 -25.22
CA GLY B 92 1.55 -29.10 -26.25
C GLY B 92 1.21 -27.83 -26.99
N GLN B 93 1.81 -26.70 -26.63
CA GLN B 93 1.55 -25.43 -27.30
C GLN B 93 2.68 -25.01 -28.22
N LEU B 94 3.93 -25.28 -27.86
CA LEU B 94 5.05 -24.99 -28.74
C LEU B 94 5.14 -26.08 -29.80
N LYS B 95 4.81 -25.74 -31.04
CA LYS B 95 4.69 -26.72 -32.10
C LYS B 95 5.51 -26.31 -33.31
N GLU B 96 6.29 -27.25 -33.83
CA GLU B 96 6.80 -27.16 -35.18
C GLU B 96 5.66 -27.38 -36.15
N LYS B 97 5.59 -26.55 -37.21
CA LYS B 97 4.45 -26.66 -38.14
C LYS B 97 4.50 -27.93 -38.99
N ASN B 98 5.51 -28.79 -38.80
CA ASN B 98 5.42 -30.17 -39.28
C ASN B 98 4.22 -30.88 -38.70
N GLY B 99 3.70 -30.40 -37.56
CA GLY B 99 2.74 -31.13 -36.77
C GLY B 99 3.32 -31.72 -35.51
N ASP B 100 4.59 -31.46 -35.22
CA ASP B 100 5.30 -32.03 -34.09
C ASP B 100 5.38 -31.02 -32.97
N VAL B 101 5.26 -31.50 -31.75
CA VAL B 101 5.34 -30.64 -30.57
C VAL B 101 6.78 -30.63 -30.07
N ILE B 102 7.23 -29.45 -29.66
CA ILE B 102 8.59 -29.26 -29.18
C ILE B 102 8.56 -29.28 -27.66
N GLU B 103 9.19 -30.28 -27.06
CA GLU B 103 9.18 -30.46 -25.61
C GLU B 103 10.31 -29.66 -24.96
N LEU B 104 9.95 -28.86 -23.97
CA LEU B 104 10.93 -28.19 -23.12
C LEU B 104 10.99 -28.99 -21.82
N LYS B 105 12.02 -29.82 -21.69
CA LYS B 105 12.12 -30.75 -20.57
C LYS B 105 13.23 -30.37 -19.60
N TYR B 106 14.46 -30.25 -20.08
CA TYR B 106 15.62 -30.05 -19.19
C TYR B 106 16.33 -28.74 -19.52
N PRO B 107 16.32 -27.76 -18.61
CA PRO B 107 17.10 -26.53 -18.83
C PRO B 107 18.59 -26.81 -18.70
N LEU B 108 19.33 -26.59 -19.79
CA LEU B 108 20.78 -26.65 -19.75
C LEU B 108 21.29 -25.35 -19.14
N ASN B 109 21.81 -25.43 -17.92
CA ASN B 109 22.17 -24.24 -17.16
C ASN B 109 23.58 -23.76 -17.48
N CYS B 110 23.78 -22.46 -17.32
CA CYS B 110 25.05 -21.80 -17.62
C CYS B 110 25.92 -21.73 -16.37
N ALA B 111 27.23 -21.59 -16.59
CA ALA B 111 28.17 -21.37 -15.52
C ALA B 111 28.71 -19.95 -15.47
N ASP B 112 28.44 -19.15 -16.50
CA ASP B 112 28.92 -17.76 -16.54
C ASP B 112 28.31 -16.97 -15.40
N PRO B 113 29.12 -16.25 -14.62
CA PRO B 113 28.56 -15.44 -13.53
C PRO B 113 28.54 -13.95 -13.82
N THR B 114 28.73 -13.54 -15.09
CA THR B 114 28.82 -12.12 -15.39
C THR B 114 27.51 -11.40 -15.18
N SER B 115 26.38 -12.05 -15.47
CA SER B 115 25.07 -11.48 -15.25
C SER B 115 24.61 -11.58 -13.80
N GLU B 116 25.47 -12.04 -12.90
CA GLU B 116 25.08 -12.19 -11.51
C GLU B 116 25.17 -10.86 -10.78
N ARG B 117 24.57 -10.83 -9.58
CA ARG B 117 24.46 -9.61 -8.80
C ARG B 117 25.66 -9.34 -7.91
N TRP B 118 26.50 -10.35 -7.67
CA TRP B 118 27.62 -10.23 -6.74
C TRP B 118 28.97 -10.37 -7.41
N PHE B 119 29.02 -10.38 -8.74
CA PHE B 119 30.24 -10.60 -9.49
C PHE B 119 30.78 -9.27 -10.00
N HIS B 120 32.02 -8.96 -9.63
CA HIS B 120 32.62 -7.67 -9.97
C HIS B 120 33.86 -7.80 -10.86
N GLY B 121 34.15 -8.99 -11.38
CA GLY B 121 35.19 -9.13 -12.39
C GLY B 121 36.56 -8.78 -11.86
N HIS B 122 37.31 -8.01 -12.66
CA HIS B 122 38.70 -7.65 -12.36
C HIS B 122 38.81 -6.55 -11.30
N LEU B 123 38.00 -6.61 -10.25
CA LEU B 123 38.08 -5.63 -9.18
C LEU B 123 39.14 -6.05 -8.18
N SER B 124 39.89 -5.07 -7.68
CA SER B 124 41.08 -5.32 -6.87
C SER B 124 40.72 -5.50 -5.39
N GLY B 125 41.69 -5.94 -4.61
CA GLY B 125 41.44 -6.27 -3.21
C GLY B 125 41.07 -5.06 -2.38
N LYS B 126 41.90 -4.02 -2.40
CA LYS B 126 41.62 -2.84 -1.57
C LYS B 126 40.35 -2.12 -2.01
N GLU B 127 40.00 -2.22 -3.30
CA GLU B 127 38.76 -1.62 -3.77
C GLU B 127 37.55 -2.34 -3.21
N ALA B 128 37.65 -3.65 -2.97
CA ALA B 128 36.54 -4.40 -2.39
C ALA B 128 36.30 -4.00 -0.93
N GLU B 129 37.38 -3.86 -0.15
CA GLU B 129 37.24 -3.45 1.23
C GLU B 129 36.76 -2.01 1.34
N LYS B 130 37.10 -1.17 0.35
CA LYS B 130 36.62 0.21 0.35
C LYS B 130 35.11 0.27 0.15
N LEU B 131 34.60 -0.50 -0.81
CA LEU B 131 33.16 -0.50 -1.08
C LEU B 131 32.38 -1.11 0.07
N LEU B 132 32.85 -2.22 0.63
CA LEU B 132 32.11 -2.93 1.67
C LEU B 132 32.08 -2.15 2.98
N THR B 133 33.04 -1.27 3.22
CA THR B 133 33.02 -0.44 4.41
C THR B 133 32.31 0.89 4.20
N GLU B 134 32.07 1.28 2.95
CA GLU B 134 31.38 2.52 2.61
C GLU B 134 29.89 2.32 2.37
N LYS B 135 29.52 1.30 1.59
CA LYS B 135 28.12 1.04 1.29
C LYS B 135 27.61 -0.26 1.90
N GLY B 136 28.48 -1.08 2.47
CA GLY B 136 28.09 -2.40 2.92
C GLY B 136 27.42 -2.42 4.27
N LYS B 137 26.79 -3.56 4.56
CA LYS B 137 26.17 -3.82 5.85
C LYS B 137 26.34 -5.30 6.16
N HIS B 138 26.16 -5.62 7.44
CA HIS B 138 26.07 -7.00 7.95
C HIS B 138 25.36 -7.89 6.95
N GLY B 139 26.13 -8.67 6.18
CA GLY B 139 25.59 -9.60 5.20
C GLY B 139 25.96 -9.27 3.78
N SER B 140 26.56 -8.12 3.51
CA SER B 140 26.94 -7.75 2.15
C SER B 140 28.13 -8.58 1.69
N PHE B 141 28.10 -8.99 0.44
CA PHE B 141 29.16 -9.83 -0.10
C PHE B 141 29.36 -9.52 -1.57
N LEU B 142 30.50 -9.97 -2.10
CA LEU B 142 30.81 -9.85 -3.51
C LEU B 142 31.88 -10.88 -3.88
N VAL B 143 31.92 -11.23 -5.15
CA VAL B 143 32.90 -12.16 -5.68
C VAL B 143 33.69 -11.47 -6.77
N ARG B 144 35.01 -11.47 -6.64
CA ARG B 144 35.90 -10.74 -7.53
C ARG B 144 36.99 -11.68 -8.04
N GLU B 145 37.56 -11.34 -9.19
CA GLU B 145 38.70 -12.08 -9.72
C GLU B 145 39.95 -11.76 -8.91
N SER B 146 40.82 -12.76 -8.79
CA SER B 146 42.05 -12.63 -8.03
C SER B 146 43.18 -12.16 -8.92
N GLN B 147 43.97 -11.21 -8.41
CA GLN B 147 45.18 -10.77 -9.09
C GLN B 147 46.42 -11.51 -8.61
N SER B 148 46.35 -12.13 -7.43
CA SER B 148 47.47 -12.92 -6.92
C SER B 148 47.52 -14.32 -7.52
N HIS B 149 46.36 -14.89 -7.88
CA HIS B 149 46.27 -16.20 -8.49
C HIS B 149 45.38 -16.09 -9.72
N PRO B 150 45.96 -15.84 -10.90
CA PRO B 150 45.15 -15.68 -12.12
C PRO B 150 44.34 -16.92 -12.45
N GLY B 151 43.02 -16.82 -12.32
CA GLY B 151 42.13 -17.94 -12.59
C GLY B 151 41.18 -18.20 -11.45
N ASP B 152 41.58 -17.84 -10.24
CA ASP B 152 40.77 -18.06 -9.04
C ASP B 152 39.99 -16.80 -8.70
N PHE B 153 39.23 -16.87 -7.62
CA PHE B 153 38.40 -15.77 -7.17
C PHE B 153 38.53 -15.66 -5.65
N VAL B 154 37.85 -14.66 -5.09
CA VAL B 154 37.84 -14.46 -3.65
C VAL B 154 36.50 -13.83 -3.26
N LEU B 155 35.88 -14.37 -2.22
CA LEU B 155 34.59 -13.92 -1.73
C LEU B 155 34.79 -13.09 -0.45
N SER B 156 34.21 -11.89 -0.42
CA SER B 156 34.42 -10.96 0.68
C SER B 156 33.07 -10.63 1.32
N VAL B 157 32.93 -10.92 2.60
CA VAL B 157 31.72 -10.63 3.35
C VAL B 157 32.01 -9.57 4.39
N ARG B 158 31.00 -8.76 4.69
CA ARG B 158 31.02 -7.84 5.82
C ARG B 158 30.11 -8.39 6.90
N THR B 159 30.66 -8.61 8.09
CA THR B 159 29.92 -9.14 9.22
C THR B 159 30.11 -8.19 10.40
N GLY B 160 29.01 -7.60 10.86
CA GLY B 160 29.08 -6.64 11.95
C GLY B 160 27.76 -6.40 12.65
N ASP B 161 27.36 -5.13 12.76
CA ASP B 161 26.12 -4.79 13.47
C ASP B 161 25.30 -3.78 12.67
N ASP B 162 25.76 -2.53 12.61
CA ASP B 162 25.00 -1.46 12.02
C ASP B 162 25.53 -1.13 10.62
N LYS B 163 25.27 0.09 10.16
CA LYS B 163 25.64 0.54 8.82
C LYS B 163 27.14 0.40 8.54
N ASP B 168 31.59 0.82 16.21
CA ASP B 168 32.90 0.87 15.58
C ASP B 168 33.84 -0.18 16.17
N GLY B 169 34.57 -0.88 15.31
CA GLY B 169 35.42 -1.97 15.71
C GLY B 169 34.74 -3.32 15.79
N LYS B 170 33.40 -3.36 15.72
CA LYS B 170 32.68 -4.62 15.73
C LYS B 170 32.43 -5.18 14.33
N SER B 171 32.51 -4.34 13.31
CA SER B 171 32.30 -4.78 11.94
C SER B 171 33.62 -5.25 11.34
N LYS B 172 33.57 -6.33 10.57
CA LYS B 172 34.73 -6.91 9.93
C LYS B 172 34.46 -7.10 8.44
N VAL B 173 35.52 -7.34 7.70
CA VAL B 173 35.44 -7.69 6.28
C VAL B 173 36.30 -8.92 6.09
N THR B 174 35.68 -10.10 6.08
CA THR B 174 36.40 -11.36 5.97
C THR B 174 36.54 -11.74 4.50
N HIS B 175 37.77 -12.03 4.08
CA HIS B 175 38.05 -12.46 2.72
C HIS B 175 38.14 -13.98 2.68
N VAL B 176 37.50 -14.58 1.67
CA VAL B 176 37.44 -16.03 1.53
C VAL B 176 37.89 -16.37 0.11
N MET B 177 39.04 -17.03 -0.01
CA MET B 177 39.60 -17.34 -1.32
C MET B 177 38.87 -18.53 -1.94
N ILE B 178 38.59 -18.42 -3.24
CA ILE B 178 37.89 -19.45 -3.99
C ILE B 178 38.81 -19.89 -5.13
N ARG B 179 39.41 -21.06 -4.98
CA ARG B 179 40.30 -21.59 -6.00
C ARG B 179 39.50 -22.34 -7.07
N CYS B 180 40.01 -22.27 -8.30
CA CYS B 180 39.39 -22.94 -9.44
C CYS B 180 40.35 -23.99 -9.98
N GLN B 181 39.94 -25.26 -9.93
CA GLN B 181 40.74 -26.37 -10.41
C GLN B 181 39.88 -27.26 -11.30
N GLU B 182 40.28 -27.39 -12.57
CA GLU B 182 39.63 -28.28 -13.53
C GLU B 182 38.13 -28.03 -13.62
N LEU B 183 37.80 -26.81 -14.05
CA LEU B 183 36.41 -26.40 -14.32
C LEU B 183 35.56 -26.30 -13.05
N LYS B 184 36.09 -26.77 -11.92
CA LYS B 184 35.33 -26.79 -10.67
C LYS B 184 35.91 -25.80 -9.68
N TYR B 185 35.04 -25.25 -8.84
CA TYR B 185 35.40 -24.23 -7.86
C TYR B 185 35.18 -24.78 -6.46
N ASP B 186 36.22 -24.71 -5.64
CA ASP B 186 36.13 -25.07 -4.24
C ASP B 186 36.51 -23.88 -3.39
N VAL B 187 36.43 -24.07 -2.08
CA VAL B 187 36.73 -23.01 -1.12
C VAL B 187 37.94 -23.35 -0.26
N GLY B 188 38.57 -24.49 -0.49
CA GLY B 188 39.67 -24.95 0.33
C GLY B 188 39.45 -26.39 0.73
N GLY B 189 38.20 -26.81 0.80
CA GLY B 189 37.88 -28.18 1.14
C GLY B 189 36.38 -28.41 1.03
N GLY B 190 36.02 -29.68 1.03
CA GLY B 190 34.62 -30.08 1.02
C GLY B 190 34.12 -30.34 -0.41
N GLU B 191 32.97 -29.76 -0.74
CA GLU B 191 32.37 -29.95 -2.06
C GLU B 191 33.02 -29.04 -3.09
N ARG B 192 33.18 -29.55 -4.30
CA ARG B 192 33.65 -28.80 -5.44
C ARG B 192 32.47 -28.56 -6.38
N PHE B 193 32.18 -27.29 -6.68
CA PHE B 193 30.99 -26.91 -7.42
C PHE B 193 31.31 -26.71 -8.90
N ASP B 194 30.28 -26.92 -9.73
CA ASP B 194 30.45 -26.81 -11.18
C ASP B 194 30.56 -25.36 -11.62
N SER B 195 30.02 -24.43 -10.84
CA SER B 195 30.01 -23.02 -11.21
C SER B 195 30.11 -22.18 -9.95
N LEU B 196 30.58 -20.94 -10.14
CA LEU B 196 30.63 -20.00 -9.02
C LEU B 196 29.25 -19.72 -8.46
N THR B 197 28.22 -19.74 -9.31
CA THR B 197 26.84 -19.54 -8.84
C THR B 197 26.42 -20.65 -7.88
N ASP B 198 26.70 -21.90 -8.25
CA ASP B 198 26.36 -23.02 -7.37
C ASP B 198 27.10 -22.92 -6.03
N LEU B 199 28.32 -22.39 -6.04
CA LEU B 199 29.07 -22.22 -4.80
C LEU B 199 28.43 -21.15 -3.92
N VAL B 200 28.03 -20.02 -4.52
CA VAL B 200 27.45 -18.93 -3.74
C VAL B 200 26.06 -19.33 -3.24
N GLU B 201 25.27 -19.98 -4.08
CA GLU B 201 23.93 -20.41 -3.66
C GLU B 201 23.99 -21.45 -2.55
N HIS B 202 25.07 -22.25 -2.51
CA HIS B 202 25.20 -23.27 -1.47
C HIS B 202 25.59 -22.66 -0.13
N TYR B 203 26.57 -21.76 -0.14
CA TYR B 203 27.00 -21.11 1.10
C TYR B 203 26.07 -19.96 1.50
N LYS B 204 25.11 -19.61 0.66
CA LYS B 204 24.04 -18.71 1.09
C LYS B 204 23.07 -19.42 2.02
N LYS B 205 22.78 -20.69 1.75
CA LYS B 205 21.89 -21.48 2.58
C LYS B 205 22.63 -22.21 3.69
N ASN B 206 23.84 -22.70 3.41
CA ASN B 206 24.70 -23.32 4.41
C ASN B 206 25.86 -22.38 4.70
N PRO B 207 25.66 -21.36 5.53
CA PRO B 207 26.71 -20.34 5.70
C PRO B 207 27.93 -20.89 6.40
N MET B 208 29.07 -20.29 6.09
CA MET B 208 30.34 -20.72 6.67
C MET B 208 30.47 -20.19 8.08
N VAL B 209 31.08 -21.00 8.94
CA VAL B 209 31.30 -20.63 10.34
C VAL B 209 32.79 -20.80 10.61
N GLU B 210 33.44 -19.73 11.08
CA GLU B 210 34.85 -19.80 11.42
C GLU B 210 35.05 -20.66 12.67
N THR B 211 36.33 -20.93 12.96
CA THR B 211 36.68 -21.75 14.12
C THR B 211 36.58 -20.99 15.44
N LEU B 212 35.80 -19.91 15.47
CA LEU B 212 35.60 -19.15 16.69
C LEU B 212 34.17 -18.68 16.91
N GLY B 213 33.26 -18.86 15.96
CA GLY B 213 31.87 -18.53 16.21
C GLY B 213 31.19 -17.72 15.13
N THR B 214 31.92 -16.78 14.54
CA THR B 214 31.32 -15.85 13.59
C THR B 214 30.91 -16.58 12.31
N VAL B 215 29.67 -16.35 11.88
CA VAL B 215 29.09 -17.01 10.72
C VAL B 215 29.13 -16.05 9.53
N LEU B 216 29.74 -16.50 8.44
CA LEU B 216 29.88 -15.69 7.22
C LEU B 216 28.65 -15.86 6.34
N GLN B 217 27.56 -15.26 6.78
CA GLN B 217 26.32 -15.38 6.03
C GLN B 217 26.33 -14.44 4.84
N LEU B 218 25.65 -14.85 3.77
CA LEU B 218 25.57 -14.07 2.53
C LEU B 218 24.12 -13.64 2.36
N LYS B 219 23.77 -12.48 2.94
CA LYS B 219 22.41 -11.97 2.82
C LYS B 219 22.22 -11.18 1.54
N GLN B 220 22.73 -9.95 1.51
CA GLN B 220 22.52 -9.03 0.41
C GLN B 220 23.79 -8.92 -0.43
N PRO B 221 23.67 -8.89 -1.76
CA PRO B 221 24.82 -8.48 -2.58
C PRO B 221 25.03 -6.99 -2.46
N LEU B 222 26.29 -6.57 -2.45
CA LEU B 222 26.62 -5.17 -2.24
C LEU B 222 26.04 -4.30 -3.35
N ASN B 223 25.31 -3.26 -2.95
CA ASN B 223 24.62 -2.38 -3.90
C ASN B 223 25.59 -1.37 -4.46
N THR B 224 25.96 -1.55 -5.73
CA THR B 224 26.81 -0.61 -6.45
C THR B 224 26.00 0.33 -7.33
N THR B 225 24.81 -0.09 -7.76
CA THR B 225 24.03 0.68 -8.72
C THR B 225 23.57 2.02 -8.15
N ARG B 226 23.45 2.14 -6.83
CA ARG B 226 23.05 3.41 -6.23
C ARG B 226 24.08 4.49 -6.55
N ILE B 227 23.60 5.60 -7.13
CA ILE B 227 24.46 6.73 -7.43
C ILE B 227 23.82 7.98 -6.86
N ASN B 228 24.66 8.99 -6.64
CA ASN B 228 24.18 10.30 -6.24
C ASN B 228 23.78 11.08 -7.48
N ALA B 229 22.55 11.63 -7.47
CA ALA B 229 21.98 12.23 -8.67
C ALA B 229 22.81 13.40 -9.19
N ALA B 230 23.63 14.03 -8.34
CA ALA B 230 24.50 15.11 -8.81
C ALA B 230 25.50 14.59 -9.82
N GLU B 231 26.06 13.41 -9.58
CA GLU B 231 27.07 12.82 -10.48
C GLU B 231 26.42 11.78 -11.39
N ILE B 232 25.50 12.25 -12.23
CA ILE B 232 24.77 11.36 -13.13
C ILE B 232 25.47 11.20 -14.47
N GLU B 233 25.97 12.31 -15.04
CA GLU B 233 26.63 12.24 -16.34
C GLU B 233 27.93 11.44 -16.27
N SER B 234 28.56 11.40 -15.10
CA SER B 234 29.81 10.67 -14.95
C SER B 234 29.59 9.16 -14.82
N ARG B 235 28.38 8.73 -14.46
CA ARG B 235 28.10 7.30 -14.37
C ARG B 235 27.83 6.68 -15.73
N VAL B 236 27.35 7.47 -16.69
CA VAL B 236 27.18 6.99 -18.06
C VAL B 236 28.53 6.68 -18.70
N ARG B 237 29.61 7.28 -18.20
CA ARG B 237 30.94 6.99 -18.71
C ARG B 237 31.28 5.51 -18.61
N GLU B 238 31.00 4.90 -17.45
CA GLU B 238 31.33 3.50 -17.24
C GLU B 238 30.37 2.54 -17.92
N LEU B 239 29.15 2.98 -18.20
CA LEU B 239 28.14 2.11 -18.79
C LEU B 239 28.09 2.18 -20.31
N SER B 240 28.74 3.17 -20.93
CA SER B 240 28.74 3.30 -22.37
C SER B 240 29.62 2.23 -23.02
N GLY B 252 28.92 -2.06 -20.52
CA GLY B 252 28.42 -1.56 -19.25
C GLY B 252 26.90 -1.55 -19.17
N PHE B 253 26.28 -0.81 -20.09
CA PHE B 253 24.81 -0.74 -20.11
C PHE B 253 24.19 -2.12 -20.32
N TRP B 254 24.71 -2.88 -21.28
CA TRP B 254 24.20 -4.21 -21.54
C TRP B 254 24.49 -5.15 -20.38
N GLU B 255 25.59 -4.94 -19.66
CA GLU B 255 25.89 -5.76 -18.49
C GLU B 255 24.92 -5.49 -17.37
N GLU B 256 24.78 -4.22 -16.98
CA GLU B 256 23.90 -3.87 -15.86
C GLU B 256 22.44 -4.22 -16.16
N PHE B 257 22.04 -4.20 -17.44
CA PHE B 257 20.69 -4.57 -17.79
C PHE B 257 20.47 -6.08 -17.65
N GLU B 258 21.40 -6.87 -18.16
CA GLU B 258 21.26 -8.32 -18.05
C GLU B 258 21.47 -8.80 -16.63
N THR B 259 22.23 -8.05 -15.83
CA THR B 259 22.30 -8.33 -14.40
C THR B 259 20.94 -8.20 -13.74
N LEU B 260 20.15 -7.22 -14.18
CA LEU B 260 18.79 -7.05 -13.67
C LEU B 260 17.82 -8.04 -14.31
N GLN B 261 18.05 -8.43 -15.56
CA GLN B 261 17.14 -9.37 -16.21
C GLN B 261 17.19 -10.74 -15.58
N GLN B 262 18.34 -11.14 -15.04
CA GLN B 262 18.45 -12.45 -14.40
C GLN B 262 17.69 -12.52 -13.09
N GLN B 263 17.23 -11.39 -12.57
CA GLN B 263 16.44 -11.35 -11.35
C GLN B 263 14.93 -11.44 -11.61
N GLU B 264 14.53 -11.70 -12.85
CA GLU B 264 13.11 -11.82 -13.17
C GLU B 264 12.53 -13.16 -12.77
N CYS B 265 13.38 -14.17 -12.51
CA CYS B 265 12.89 -15.47 -12.08
C CYS B 265 12.24 -15.41 -10.70
N LYS B 266 12.58 -14.41 -9.89
CA LYS B 266 11.98 -14.24 -8.56
C LYS B 266 10.73 -13.39 -8.60
N LEU B 267 10.22 -13.04 -9.78
CA LEU B 267 9.02 -12.21 -9.92
C LEU B 267 7.86 -12.99 -10.54
N LEU B 268 7.87 -14.31 -10.42
CA LEU B 268 6.84 -15.17 -11.01
C LEU B 268 5.63 -15.28 -10.09
N TYR B 269 5.05 -14.13 -9.77
CA TYR B 269 3.84 -14.10 -8.95
C TYR B 269 2.67 -14.73 -9.68
N SER B 270 1.65 -15.12 -8.94
CA SER B 270 0.49 -15.77 -9.52
C SER B 270 -0.34 -14.78 -10.33
N ARG B 271 -1.04 -15.30 -11.32
CA ARG B 271 -1.89 -14.50 -12.19
C ARG B 271 -3.18 -15.25 -12.52
N LYS B 272 -3.70 -16.00 -11.56
CA LYS B 272 -4.80 -16.92 -11.83
C LYS B 272 -6.08 -16.21 -12.24
N GLU B 273 -6.26 -14.95 -11.83
CA GLU B 273 -7.49 -14.24 -12.20
C GLU B 273 -7.54 -13.95 -13.70
N GLY B 274 -6.41 -13.58 -14.29
CA GLY B 274 -6.36 -13.39 -15.73
C GLY B 274 -6.40 -14.67 -16.54
N GLN B 275 -6.24 -15.82 -15.89
CA GLN B 275 -6.29 -17.10 -16.59
C GLN B 275 -7.68 -17.70 -16.62
N ARG B 276 -8.59 -17.25 -15.75
CA ARG B 276 -9.95 -17.74 -15.77
C ARG B 276 -10.58 -17.52 -17.14
N GLN B 277 -11.18 -18.59 -17.69
CA GLN B 277 -11.81 -18.51 -19.00
C GLN B 277 -12.89 -17.43 -19.06
N GLU B 278 -13.44 -17.04 -17.91
CA GLU B 278 -14.43 -15.97 -17.86
C GLU B 278 -13.85 -14.64 -18.29
N ASN B 279 -12.52 -14.49 -18.29
CA ASN B 279 -11.87 -13.23 -18.64
C ASN B 279 -10.75 -13.42 -19.68
N LYS B 280 -10.78 -14.51 -20.45
CA LYS B 280 -9.71 -14.72 -21.43
C LYS B 280 -9.80 -13.71 -22.56
N ASN B 281 -11.02 -13.44 -23.06
CA ASN B 281 -11.19 -12.49 -24.16
C ASN B 281 -11.00 -11.03 -23.72
N LYS B 282 -10.82 -10.77 -22.43
CA LYS B 282 -10.57 -9.43 -21.93
C LYS B 282 -9.09 -9.06 -21.97
N ASN B 283 -8.20 -10.02 -22.18
CA ASN B 283 -6.77 -9.75 -22.31
C ASN B 283 -6.43 -9.56 -23.78
N ARG B 284 -5.70 -8.49 -24.08
CA ARG B 284 -5.23 -8.28 -25.45
C ARG B 284 -4.23 -9.35 -25.85
N TYR B 285 -3.31 -9.68 -24.96
CA TYR B 285 -2.40 -10.81 -25.13
C TYR B 285 -2.64 -11.77 -23.97
N LYS B 286 -3.21 -12.93 -24.28
CA LYS B 286 -3.76 -13.82 -23.25
C LYS B 286 -2.70 -14.40 -22.32
N ASN B 287 -1.42 -14.12 -22.55
CA ASN B 287 -0.37 -14.58 -21.66
C ASN B 287 0.28 -13.44 -20.86
N ILE B 288 -0.02 -12.19 -21.19
CA ILE B 288 0.45 -11.05 -20.40
C ILE B 288 -0.69 -10.70 -19.47
N LEU B 289 -0.64 -11.26 -18.26
CA LEU B 289 -1.75 -11.14 -17.33
C LEU B 289 -1.31 -10.40 -16.06
N PRO B 290 -2.20 -9.61 -15.46
CA PRO B 290 -1.82 -8.83 -14.29
C PRO B 290 -1.60 -9.70 -13.07
N PHE B 291 -0.66 -9.29 -12.22
CA PHE B 291 -0.44 -9.96 -10.96
C PHE B 291 -1.71 -9.95 -10.12
N ASP B 292 -1.90 -11.02 -9.35
CA ASP B 292 -3.11 -11.13 -8.53
C ASP B 292 -3.07 -10.16 -7.36
N HIS B 293 -1.89 -9.95 -6.76
CA HIS B 293 -1.81 -9.16 -5.54
C HIS B 293 -1.78 -7.65 -5.81
N THR B 294 -1.70 -7.22 -7.07
CA THR B 294 -1.74 -5.82 -7.41
C THR B 294 -2.76 -5.48 -8.49
N ARG B 295 -3.57 -6.44 -8.94
CA ARG B 295 -4.54 -6.18 -10.00
C ARG B 295 -5.62 -5.21 -9.51
N VAL B 296 -6.17 -4.44 -10.46
CA VAL B 296 -7.28 -3.55 -10.15
C VAL B 296 -8.56 -4.35 -10.20
N VAL B 297 -9.29 -4.36 -9.08
CA VAL B 297 -10.52 -5.13 -8.95
C VAL B 297 -11.69 -4.16 -9.04
N LEU B 298 -12.70 -4.53 -9.83
CA LEU B 298 -13.86 -3.69 -10.05
C LEU B 298 -15.00 -4.19 -9.17
N HIS B 299 -15.32 -3.43 -8.12
CA HIS B 299 -16.45 -3.75 -7.24
C HIS B 299 -17.57 -2.75 -7.55
N ASP B 300 -18.63 -3.26 -8.18
CA ASP B 300 -19.75 -2.48 -8.76
C ASP B 300 -19.33 -1.84 -10.08
N SER B 308 -18.93 -8.31 -13.40
CA SER B 308 -17.56 -8.80 -13.40
C SER B 308 -16.64 -7.83 -12.67
N ASP B 309 -15.47 -8.32 -12.28
CA ASP B 309 -14.52 -7.54 -11.49
C ASP B 309 -13.16 -7.41 -12.13
N TYR B 310 -12.95 -8.00 -13.31
CA TYR B 310 -11.62 -8.13 -13.89
C TYR B 310 -11.34 -7.04 -14.90
N ILE B 311 -10.11 -6.56 -14.91
CA ILE B 311 -9.60 -5.68 -15.95
C ILE B 311 -8.07 -5.83 -15.94
N ASN B 312 -7.48 -5.76 -17.13
CA ASN B 312 -6.04 -5.97 -17.28
C ASN B 312 -5.30 -4.71 -16.84
N ALA B 313 -5.05 -4.60 -15.54
CA ALA B 313 -4.41 -3.42 -14.98
C ALA B 313 -3.85 -3.75 -13.60
N ASN B 314 -2.80 -3.01 -13.22
CA ASN B 314 -2.19 -3.13 -11.91
C ASN B 314 -1.92 -1.75 -11.35
N ILE B 315 -1.87 -1.66 -10.02
CA ILE B 315 -1.53 -0.43 -9.31
C ILE B 315 -0.05 -0.46 -8.97
N ILE B 316 0.66 0.62 -9.26
CA ILE B 316 2.09 0.71 -9.06
C ILE B 316 2.40 1.94 -8.22
N MET B 317 3.11 1.74 -7.11
CA MET B 317 3.53 2.83 -6.22
C MET B 317 4.99 2.65 -5.81
N PRO B 318 5.77 3.74 -5.74
CA PRO B 318 7.13 3.69 -5.19
C PRO B 318 7.15 3.46 -3.68
N LYS B 331 2.12 9.84 -4.84
CA LYS B 331 1.52 9.59 -6.15
C LYS B 331 1.63 8.12 -6.54
N SER B 332 0.59 7.60 -7.20
CA SER B 332 0.58 6.23 -7.69
C SER B 332 0.16 6.23 -9.16
N TYR B 333 0.28 5.05 -9.78
CA TYR B 333 -0.01 4.86 -11.18
C TYR B 333 -0.90 3.63 -11.35
N ILE B 334 -1.45 3.49 -12.54
CA ILE B 334 -2.14 2.27 -12.96
C ILE B 334 -1.63 1.94 -14.36
N ALA B 335 -0.82 0.88 -14.44
CA ALA B 335 -0.34 0.40 -15.73
C ALA B 335 -1.36 -0.59 -16.29
N THR B 336 -1.89 -0.28 -17.47
CA THR B 336 -2.90 -1.12 -18.10
C THR B 336 -2.56 -1.27 -19.57
N GLN B 337 -3.27 -2.19 -20.23
CA GLN B 337 -3.09 -2.43 -21.65
C GLN B 337 -3.87 -1.40 -22.45
N GLY B 338 -3.72 -1.46 -23.78
CA GLY B 338 -4.65 -0.75 -24.64
C GLY B 338 -6.01 -1.44 -24.61
N CYS B 339 -7.06 -0.61 -24.59
CA CYS B 339 -8.41 -1.13 -24.42
C CYS B 339 -8.83 -1.97 -25.62
N LEU B 340 -9.51 -3.08 -25.35
CA LEU B 340 -10.23 -3.82 -26.38
C LEU B 340 -11.66 -3.33 -26.46
N GLN B 341 -12.29 -3.56 -27.62
CA GLN B 341 -13.67 -3.11 -27.81
C GLN B 341 -14.62 -3.72 -26.79
N ASN B 342 -14.26 -4.87 -26.19
CA ASN B 342 -15.02 -5.45 -25.09
C ASN B 342 -14.45 -5.07 -23.73
N THR B 343 -13.55 -4.09 -23.69
CA THR B 343 -12.94 -3.63 -22.46
C THR B 343 -13.22 -2.15 -22.17
N VAL B 344 -13.54 -1.36 -23.20
CA VAL B 344 -13.73 0.08 -23.04
C VAL B 344 -14.71 0.39 -21.92
N ASN B 345 -15.80 -0.37 -21.83
CA ASN B 345 -16.76 -0.15 -20.75
C ASN B 345 -16.14 -0.38 -19.38
N ASP B 346 -15.29 -1.40 -19.26
CA ASP B 346 -14.61 -1.65 -18.00
C ASP B 346 -13.49 -0.64 -17.75
N PHE B 347 -12.89 -0.11 -18.81
CA PHE B 347 -11.83 0.88 -18.65
C PHE B 347 -12.36 2.10 -17.90
N TRP B 348 -13.50 2.64 -18.33
CA TRP B 348 -14.06 3.82 -17.66
C TRP B 348 -14.63 3.47 -16.29
N ARG B 349 -15.04 2.20 -16.09
CA ARG B 349 -15.41 1.76 -14.74
C ARG B 349 -14.22 1.87 -13.80
N MET B 350 -13.02 1.50 -14.26
CA MET B 350 -11.83 1.58 -13.43
C MET B 350 -11.42 3.03 -13.20
N VAL B 351 -11.55 3.87 -14.23
CA VAL B 351 -11.16 5.28 -14.10
C VAL B 351 -12.05 5.97 -13.08
N PHE B 352 -13.35 5.64 -13.08
CA PHE B 352 -14.26 6.25 -12.11
C PHE B 352 -14.04 5.67 -10.71
N GLN B 353 -13.81 4.37 -10.63
CA GLN B 353 -13.64 3.72 -9.32
C GLN B 353 -12.40 4.22 -8.61
N GLU B 354 -11.29 4.35 -9.33
CA GLU B 354 -10.03 4.78 -8.74
C GLU B 354 -9.89 6.30 -8.68
N ASN B 355 -10.91 7.05 -9.11
CA ASN B 355 -10.89 8.51 -9.12
C ASN B 355 -9.71 9.05 -9.94
N SER B 356 -9.38 8.34 -11.02
CA SER B 356 -8.30 8.79 -11.88
C SER B 356 -8.70 10.06 -12.61
N ARG B 357 -7.80 11.04 -12.63
CA ARG B 357 -8.05 12.31 -13.30
C ARG B 357 -7.12 12.56 -14.47
N VAL B 358 -6.16 11.68 -14.73
CA VAL B 358 -5.20 11.84 -15.82
C VAL B 358 -4.96 10.49 -16.47
N ILE B 359 -4.99 10.45 -17.80
CA ILE B 359 -4.64 9.27 -18.59
C ILE B 359 -3.42 9.61 -19.43
N VAL B 360 -2.49 8.66 -19.53
CA VAL B 360 -1.27 8.83 -20.30
C VAL B 360 -1.24 7.74 -21.36
N MET B 361 -1.43 8.13 -22.62
CA MET B 361 -1.41 7.23 -23.76
C MET B 361 -0.07 7.39 -24.49
N THR B 362 0.66 6.28 -24.63
CA THR B 362 1.99 6.30 -25.21
C THR B 362 2.08 5.52 -26.51
N THR B 363 0.95 5.12 -27.08
CA THR B 363 0.95 4.39 -28.34
C THR B 363 -0.19 4.92 -29.21
N LYS B 364 -0.08 4.67 -30.51
CA LYS B 364 -1.13 5.03 -31.44
C LYS B 364 -2.20 3.94 -31.48
N GLU B 365 -3.34 4.28 -32.09
CA GLU B 365 -4.43 3.30 -32.20
C GLU B 365 -4.00 2.10 -33.02
N VAL B 366 -3.28 2.33 -34.10
CA VAL B 366 -2.81 1.26 -34.98
C VAL B 366 -1.36 1.57 -35.36
N GLU B 367 -0.48 0.60 -35.14
CA GLU B 367 0.93 0.71 -35.52
C GLU B 367 1.25 -0.45 -36.46
N ARG B 368 1.58 -0.13 -37.71
CA ARG B 368 1.93 -1.13 -38.73
C ARG B 368 0.78 -2.11 -38.96
N GLY B 369 -0.41 -1.57 -39.15
CA GLY B 369 -1.58 -2.36 -39.53
C GLY B 369 -2.14 -3.28 -38.46
N LYS B 370 -1.57 -3.30 -37.26
CA LYS B 370 -2.04 -4.15 -36.19
C LYS B 370 -2.73 -3.32 -35.12
N SER B 371 -3.79 -3.86 -34.55
CA SER B 371 -4.53 -3.17 -33.50
C SER B 371 -3.68 -3.09 -32.23
N LYS B 372 -3.43 -1.87 -31.76
CA LYS B 372 -2.70 -1.67 -30.52
C LYS B 372 -3.53 -1.05 -29.41
N CYS B 373 -4.56 -0.27 -29.74
CA CYS B 373 -5.49 0.25 -28.75
C CYS B 373 -6.71 0.82 -29.47
N VAL B 374 -7.88 0.45 -28.98
CA VAL B 374 -9.13 1.00 -29.50
C VAL B 374 -9.31 2.42 -29.00
N LYS B 375 -9.74 3.31 -29.89
CA LYS B 375 -10.04 4.70 -29.53
C LYS B 375 -11.19 4.74 -28.53
N TYR B 376 -10.87 4.89 -27.26
CA TYR B 376 -11.85 4.77 -26.18
C TYR B 376 -12.45 6.11 -25.78
N TRP B 377 -12.17 7.18 -26.53
CA TRP B 377 -12.66 8.50 -26.18
C TRP B 377 -13.55 9.06 -27.29
N PRO B 378 -14.49 9.93 -26.95
CA PRO B 378 -15.24 10.64 -28.01
C PRO B 378 -14.37 11.70 -28.65
N ASP B 379 -14.63 11.97 -29.92
CA ASP B 379 -13.90 13.03 -30.60
C ASP B 379 -14.36 14.40 -30.11
N GLU B 380 -13.65 15.43 -30.57
CA GLU B 380 -13.81 16.78 -30.03
C GLU B 380 -15.26 17.24 -30.07
N TYR B 381 -15.71 17.85 -28.98
CA TYR B 381 -17.03 18.45 -28.83
C TYR B 381 -18.16 17.43 -28.87
N ALA B 382 -17.84 16.14 -28.86
CA ALA B 382 -18.84 15.08 -28.91
C ALA B 382 -18.97 14.41 -27.55
N LEU B 383 -20.14 13.83 -27.31
CA LEU B 383 -20.44 13.12 -26.07
C LEU B 383 -20.84 11.69 -26.40
N LYS B 384 -20.28 10.76 -25.65
CA LYS B 384 -20.54 9.34 -25.85
C LYS B 384 -20.86 8.68 -24.53
N GLU B 385 -21.56 7.55 -24.59
CA GLU B 385 -21.92 6.76 -23.42
C GLU B 385 -21.25 5.41 -23.52
N TYR B 386 -20.48 5.04 -22.48
CA TYR B 386 -19.78 3.76 -22.40
C TYR B 386 -20.38 3.00 -21.22
N GLY B 387 -21.51 2.36 -21.45
CA GLY B 387 -22.22 1.71 -20.37
C GLY B 387 -22.81 2.73 -19.43
N VAL B 388 -22.58 2.55 -18.13
CA VAL B 388 -23.10 3.48 -17.12
C VAL B 388 -22.28 4.76 -17.03
N MET B 389 -21.11 4.80 -17.67
CA MET B 389 -20.27 5.98 -17.71
C MET B 389 -20.61 6.83 -18.93
N ARG B 390 -20.23 8.10 -18.87
CA ARG B 390 -20.48 9.06 -19.94
C ARG B 390 -19.30 10.01 -20.03
N VAL B 391 -18.67 10.07 -21.20
CA VAL B 391 -17.49 10.90 -21.42
C VAL B 391 -17.79 11.90 -22.54
N ARG B 392 -17.32 13.13 -22.36
CA ARG B 392 -17.45 14.17 -23.37
C ARG B 392 -16.09 14.84 -23.59
N ASN B 393 -15.77 15.09 -24.85
CA ASN B 393 -14.52 15.76 -25.22
C ASN B 393 -14.79 17.26 -25.27
N VAL B 394 -14.21 18.01 -24.34
CA VAL B 394 -14.45 19.45 -24.28
C VAL B 394 -13.54 20.20 -25.24
N LYS B 395 -12.23 19.97 -25.13
CA LYS B 395 -11.26 20.68 -25.96
C LYS B 395 -10.05 19.78 -26.18
N GLU B 396 -9.39 19.97 -27.32
CA GLU B 396 -8.17 19.24 -27.67
C GLU B 396 -7.06 20.25 -27.91
N SER B 397 -5.98 20.15 -27.12
CA SER B 397 -4.80 21.00 -27.27
C SER B 397 -3.72 20.16 -27.94
N ALA B 398 -3.73 20.13 -29.27
CA ALA B 398 -2.75 19.38 -30.05
C ALA B 398 -1.39 20.05 -29.93
N ALA B 399 -0.50 19.46 -29.13
CA ALA B 399 0.81 20.02 -28.89
C ALA B 399 1.82 19.40 -29.85
N HIS B 400 3.10 19.73 -29.66
CA HIS B 400 4.14 19.25 -30.56
C HIS B 400 4.32 17.74 -30.45
N ASP B 401 4.70 17.27 -29.27
CA ASP B 401 5.01 15.85 -29.07
C ASP B 401 3.79 15.02 -28.65
N TYR B 402 2.63 15.64 -28.45
CA TYR B 402 1.46 14.92 -27.94
C TYR B 402 0.20 15.70 -28.30
N THR B 403 -0.93 15.24 -27.76
CA THR B 403 -2.22 15.91 -27.90
C THR B 403 -2.97 15.80 -26.59
N LEU B 404 -3.33 16.92 -26.00
CA LEU B 404 -4.08 16.96 -24.75
C LEU B 404 -5.57 16.94 -25.03
N ARG B 405 -6.29 16.06 -24.34
CA ARG B 405 -7.73 15.91 -24.50
C ARG B 405 -8.39 16.05 -23.14
N GLU B 406 -9.10 17.16 -22.93
CA GLU B 406 -9.83 17.40 -21.69
C GLU B 406 -11.18 16.72 -21.78
N LEU B 407 -11.36 15.63 -21.03
CA LEU B 407 -12.59 14.86 -21.03
C LEU B 407 -13.40 15.13 -19.77
N LYS B 408 -14.71 14.90 -19.85
CA LYS B 408 -15.62 15.09 -18.74
C LYS B 408 -16.34 13.76 -18.51
N LEU B 409 -15.91 13.03 -17.48
CA LEU B 409 -16.46 11.72 -17.17
C LEU B 409 -17.53 11.84 -16.09
N SER B 410 -18.64 11.12 -16.28
CA SER B 410 -19.75 11.16 -15.34
C SER B 410 -20.55 9.88 -15.48
N LYS B 411 -21.39 9.62 -14.47
CA LYS B 411 -22.24 8.43 -14.44
C LYS B 411 -23.65 8.76 -14.92
N VAL B 412 -24.27 7.79 -15.59
CA VAL B 412 -25.62 7.98 -16.10
C VAL B 412 -26.60 8.06 -14.93
N GLY B 413 -27.51 9.03 -15.00
CA GLY B 413 -28.47 9.28 -13.94
C GLY B 413 -28.12 10.43 -13.03
N GLN B 414 -26.91 10.98 -13.15
CA GLN B 414 -26.48 12.09 -12.31
C GLN B 414 -25.82 13.19 -13.14
N THR B 417 -21.57 14.96 -10.63
CA THR B 417 -20.71 13.79 -10.78
C THR B 417 -19.61 14.04 -11.80
N GLU B 418 -19.86 14.97 -12.73
CA GLU B 418 -18.95 15.26 -13.83
C GLU B 418 -17.58 15.66 -13.33
N ARG B 419 -16.58 14.80 -13.54
CA ARG B 419 -15.21 15.10 -13.19
C ARG B 419 -14.36 15.24 -14.44
N THR B 420 -13.32 16.06 -14.36
CA THR B 420 -12.44 16.32 -15.49
C THR B 420 -11.32 15.28 -15.53
N VAL B 421 -11.18 14.60 -16.66
CA VAL B 421 -10.15 13.59 -16.86
C VAL B 421 -9.31 14.05 -18.05
N TRP B 422 -8.05 14.40 -17.78
CA TRP B 422 -7.15 14.91 -18.81
C TRP B 422 -6.41 13.73 -19.43
N GLN B 423 -6.66 13.48 -20.71
CA GLN B 423 -6.04 12.39 -21.44
C GLN B 423 -4.85 12.92 -22.24
N TYR B 424 -3.65 12.46 -21.88
CA TYR B 424 -2.42 12.87 -22.55
C TYR B 424 -2.00 11.76 -23.50
N HIS B 425 -2.06 12.05 -24.81
CA HIS B 425 -1.78 11.05 -25.85
C HIS B 425 -0.44 11.38 -26.48
N PHE B 426 0.58 10.59 -26.14
CA PHE B 426 1.91 10.75 -26.73
C PHE B 426 1.94 10.11 -28.11
N ARG B 427 2.38 10.87 -29.11
CA ARG B 427 2.46 10.39 -30.48
C ARG B 427 3.87 10.48 -31.08
N THR B 428 4.85 10.99 -30.33
CA THR B 428 6.21 11.11 -30.83
C THR B 428 6.94 9.76 -30.86
N TRP B 429 6.57 8.85 -29.96
CA TRP B 429 7.29 7.58 -29.83
C TRP B 429 7.29 6.82 -31.16
N PRO B 430 8.44 6.34 -31.62
CA PRO B 430 8.49 5.57 -32.87
C PRO B 430 7.96 4.15 -32.67
N ASP B 431 7.76 3.47 -33.79
CA ASP B 431 7.22 2.12 -33.75
C ASP B 431 8.21 1.14 -33.12
N HIS B 432 9.48 1.24 -33.49
CA HIS B 432 10.53 0.39 -32.96
C HIS B 432 11.57 1.24 -32.25
N GLY B 433 12.04 0.76 -31.11
CA GLY B 433 13.09 1.46 -30.39
C GLY B 433 12.54 2.58 -29.50
N VAL B 434 13.46 3.45 -29.11
CA VAL B 434 13.14 4.58 -28.23
C VAL B 434 13.52 5.85 -28.98
N PRO B 435 12.94 7.00 -28.60
CA PRO B 435 13.34 8.26 -29.22
C PRO B 435 14.81 8.56 -29.00
N SER B 436 15.41 9.27 -29.95
CA SER B 436 16.84 9.54 -29.87
C SER B 436 17.19 10.59 -28.83
N ASP B 437 16.23 11.43 -28.44
CA ASP B 437 16.45 12.45 -27.42
C ASP B 437 15.31 12.38 -26.42
N PRO B 438 15.60 12.38 -25.11
CA PRO B 438 14.53 12.25 -24.11
C PRO B 438 13.76 13.53 -23.85
N GLY B 439 14.23 14.67 -24.35
CA GLY B 439 13.59 15.94 -24.03
C GLY B 439 12.11 15.98 -24.38
N GLY B 440 11.71 15.26 -25.43
CA GLY B 440 10.30 15.20 -25.79
C GLY B 440 9.47 14.44 -24.78
N VAL B 441 10.06 13.47 -24.09
CA VAL B 441 9.32 12.72 -23.07
C VAL B 441 9.24 13.51 -21.77
N LEU B 442 10.35 14.13 -21.36
CA LEU B 442 10.38 14.83 -20.08
C LEU B 442 9.48 16.06 -20.08
N ASP B 443 9.41 16.77 -21.21
CA ASP B 443 8.46 17.87 -21.33
C ASP B 443 7.04 17.35 -21.25
N PHE B 444 6.75 16.26 -21.96
CA PHE B 444 5.44 15.62 -21.86
C PHE B 444 5.16 15.15 -20.45
N LEU B 445 6.18 14.59 -19.79
CA LEU B 445 5.99 14.07 -18.43
C LEU B 445 5.77 15.20 -17.43
N GLU B 446 6.61 16.25 -17.51
CA GLU B 446 6.50 17.34 -16.55
C GLU B 446 5.14 18.03 -16.62
N GLU B 447 4.58 18.15 -17.83
CA GLU B 447 3.26 18.76 -17.98
C GLU B 447 2.17 17.91 -17.34
N VAL B 448 2.36 16.59 -17.32
CA VAL B 448 1.38 15.71 -16.68
C VAL B 448 1.49 15.79 -15.16
N HIS B 449 2.72 15.94 -14.65
CA HIS B 449 2.91 15.95 -13.21
C HIS B 449 2.22 17.15 -12.56
N HIS B 450 2.31 18.32 -13.21
CA HIS B 450 1.63 19.50 -12.69
C HIS B 450 0.12 19.36 -12.80
N LYS B 451 -0.37 18.73 -13.88
CA LYS B 451 -1.80 18.51 -14.02
C LYS B 451 -2.32 17.59 -12.93
N GLN B 452 -1.50 16.64 -12.48
CA GLN B 452 -1.93 15.74 -11.41
C GLN B 452 -1.89 16.45 -10.06
N GLU B 453 -0.85 17.25 -9.81
CA GLU B 453 -0.74 17.93 -8.53
C GLU B 453 -1.79 19.02 -8.38
N SER B 454 -2.29 19.55 -9.51
CA SER B 454 -3.29 20.61 -9.44
C SER B 454 -4.61 20.08 -8.90
N ILE B 455 -5.09 18.97 -9.46
CA ILE B 455 -6.30 18.32 -8.99
C ILE B 455 -6.02 17.62 -7.67
N MET B 456 -6.39 18.26 -6.55
CA MET B 456 -6.03 17.73 -5.26
C MET B 456 -6.80 16.46 -4.94
N ASP B 457 -6.08 15.49 -4.39
CA ASP B 457 -6.60 14.15 -4.15
C ASP B 457 -7.24 13.56 -5.41
N ALA B 458 -6.43 13.56 -6.46
CA ALA B 458 -6.73 12.73 -7.60
C ALA B 458 -6.15 11.33 -7.37
N GLY B 459 -6.70 10.36 -8.10
CA GLY B 459 -6.27 8.99 -7.96
C GLY B 459 -5.01 8.70 -8.73
N PRO B 460 -4.79 7.42 -9.06
CA PRO B 460 -3.60 7.05 -9.82
C PRO B 460 -3.61 7.66 -11.21
N VAL B 461 -2.42 7.84 -11.77
CA VAL B 461 -2.25 8.31 -13.14
C VAL B 461 -2.22 7.08 -14.05
N VAL B 462 -3.26 6.93 -14.88
CA VAL B 462 -3.38 5.77 -15.75
C VAL B 462 -2.41 5.93 -16.92
N VAL B 463 -1.48 5.00 -17.03
CA VAL B 463 -0.53 4.94 -18.14
C VAL B 463 -0.75 3.64 -18.88
N HIS B 464 -0.76 3.69 -20.21
CA HIS B 464 -1.02 2.50 -20.99
C HIS B 464 -0.39 2.63 -22.37
N CYS B 465 0.00 1.50 -22.94
CA CYS B 465 0.50 1.42 -24.30
C CYS B 465 -0.14 0.23 -25.01
N SER B 466 0.68 -0.58 -25.67
CA SER B 466 0.18 -1.78 -26.34
C SER B 466 -0.20 -2.84 -25.31
N ALA B 467 0.80 -3.42 -24.66
CA ALA B 467 0.58 -4.40 -23.60
C ALA B 467 0.58 -3.78 -22.21
N GLY B 468 1.06 -2.55 -22.07
CA GLY B 468 1.12 -1.91 -20.76
C GLY B 468 2.35 -2.23 -19.96
N ILE B 469 3.38 -2.80 -20.59
CA ILE B 469 4.59 -3.21 -19.89
C ILE B 469 5.81 -2.59 -20.55
N GLY B 470 5.73 -2.31 -21.85
CA GLY B 470 6.84 -1.75 -22.59
C GLY B 470 7.04 -0.27 -22.34
N ARG B 471 6.44 0.56 -23.21
CA ARG B 471 6.51 2.00 -23.01
C ARG B 471 5.90 2.41 -21.68
N THR B 472 4.86 1.69 -21.23
CA THR B 472 4.23 2.01 -19.96
C THR B 472 5.20 1.89 -18.80
N GLY B 473 5.98 0.81 -18.76
CA GLY B 473 6.98 0.67 -17.72
C GLY B 473 8.08 1.71 -17.79
N THR B 474 8.46 2.10 -19.01
CA THR B 474 9.50 3.11 -19.18
C THR B 474 9.03 4.47 -18.71
N PHE B 475 7.81 4.87 -19.09
CA PHE B 475 7.29 6.18 -18.69
C PHE B 475 7.12 6.27 -17.18
N ILE B 476 6.62 5.20 -16.55
CA ILE B 476 6.38 5.24 -15.11
C ILE B 476 7.70 5.32 -14.35
N VAL B 477 8.70 4.53 -14.75
CA VAL B 477 9.97 4.51 -14.05
C VAL B 477 10.65 5.87 -14.12
N ILE B 478 10.59 6.52 -15.28
CA ILE B 478 11.16 7.85 -15.43
C ILE B 478 10.45 8.84 -14.51
N ASP B 479 9.12 8.79 -14.47
CA ASP B 479 8.38 9.73 -13.63
C ASP B 479 8.63 9.47 -12.15
N ILE B 480 8.86 8.22 -11.76
CA ILE B 480 9.14 7.92 -10.35
C ILE B 480 10.48 8.53 -9.95
N LEU B 481 11.51 8.37 -10.80
CA LEU B 481 12.83 8.89 -10.47
C LEU B 481 12.86 10.41 -10.50
N ILE B 482 12.13 11.02 -11.44
CA ILE B 482 12.10 12.48 -11.52
C ILE B 482 11.40 13.06 -10.29
N ASP B 483 10.38 12.36 -9.78
CA ASP B 483 9.70 12.83 -8.57
C ASP B 483 10.63 12.82 -7.36
N ILE B 484 11.62 11.92 -7.35
CA ILE B 484 12.58 11.89 -6.25
C ILE B 484 13.52 13.09 -6.32
N ILE B 485 14.00 13.41 -7.52
CA ILE B 485 14.94 14.52 -7.67
C ILE B 485 14.22 15.86 -7.49
N ARG B 486 13.05 16.01 -8.11
CA ARG B 486 12.27 17.24 -7.98
C ARG B 486 11.79 17.50 -6.55
N GLU B 487 11.90 16.52 -5.66
CA GLU B 487 11.50 16.67 -4.26
C GLU B 487 12.70 16.92 -3.36
N LYS B 488 13.65 15.98 -3.32
CA LYS B 488 14.85 16.10 -2.51
C LYS B 488 15.93 16.94 -3.16
N GLY B 489 15.68 17.49 -4.35
CA GLY B 489 16.71 18.23 -5.04
C GLY B 489 17.74 17.27 -5.64
N VAL B 490 18.91 17.83 -5.96
CA VAL B 490 20.04 17.00 -6.33
C VAL B 490 20.73 16.57 -5.04
N ASP B 491 21.89 15.92 -5.16
CA ASP B 491 22.58 15.32 -4.01
C ASP B 491 21.64 14.38 -3.25
N CYS B 492 20.89 13.58 -4.00
CA CYS B 492 20.01 12.57 -3.44
C CYS B 492 20.25 11.25 -4.17
N ASP B 493 19.95 10.16 -3.50
CA ASP B 493 20.27 8.84 -4.01
C ASP B 493 19.21 8.39 -5.02
N ILE B 494 19.67 7.97 -6.20
CA ILE B 494 18.83 7.43 -7.25
C ILE B 494 19.33 6.04 -7.58
N ASP B 495 18.41 5.08 -7.67
CA ASP B 495 18.74 3.69 -8.00
C ASP B 495 17.81 3.24 -9.12
N VAL B 496 18.28 3.31 -10.36
CA VAL B 496 17.46 2.90 -11.51
C VAL B 496 17.10 1.41 -11.46
N PRO B 497 18.05 0.48 -11.29
CA PRO B 497 17.66 -0.94 -11.27
C PRO B 497 16.78 -1.31 -10.09
N LYS B 498 17.00 -0.71 -8.91
CA LYS B 498 16.14 -1.01 -7.77
C LYS B 498 14.73 -0.49 -7.99
N THR B 499 14.58 0.66 -8.64
CA THR B 499 13.26 1.18 -8.95
C THR B 499 12.56 0.33 -10.01
N ILE B 500 13.31 -0.07 -11.05
CA ILE B 500 12.73 -0.90 -12.11
C ILE B 500 12.30 -2.26 -11.55
N GLN B 501 13.14 -2.86 -10.71
CA GLN B 501 12.79 -4.17 -10.16
C GLN B 501 11.58 -4.07 -9.23
N MET B 502 11.47 -2.97 -8.48
CA MET B 502 10.31 -2.78 -7.61
C MET B 502 9.03 -2.59 -8.43
N VAL B 503 9.13 -1.95 -9.59
CA VAL B 503 7.97 -1.80 -10.46
C VAL B 503 7.62 -3.14 -11.12
N ARG B 504 8.65 -3.92 -11.50
CA ARG B 504 8.41 -5.23 -12.08
C ARG B 504 7.76 -6.19 -11.10
N SER B 505 7.86 -5.91 -9.80
CA SER B 505 7.19 -6.70 -8.77
C SER B 505 5.69 -6.41 -8.70
N GLN B 506 5.19 -5.44 -9.47
CA GLN B 506 3.77 -5.12 -9.46
C GLN B 506 3.08 -5.34 -10.80
N ARG B 507 3.83 -5.44 -11.89
CA ARG B 507 3.28 -5.82 -13.19
C ARG B 507 4.38 -6.47 -14.01
N SER B 508 4.07 -7.63 -14.59
CA SER B 508 5.09 -8.44 -15.26
C SER B 508 5.74 -7.69 -16.42
N GLY B 509 7.07 -7.65 -16.40
CA GLY B 509 7.81 -7.20 -17.56
C GLY B 509 7.88 -5.71 -17.78
N MET B 510 7.82 -4.90 -16.71
CA MET B 510 7.98 -3.47 -16.86
C MET B 510 9.40 -3.16 -17.35
N VAL B 511 9.50 -2.28 -18.35
CA VAL B 511 10.74 -1.99 -19.06
C VAL B 511 11.19 -3.24 -19.81
N GLN B 512 11.12 -3.21 -21.14
CA GLN B 512 11.26 -4.42 -21.93
C GLN B 512 12.64 -4.57 -22.55
N THR B 513 13.11 -3.57 -23.28
CA THR B 513 14.35 -3.69 -24.03
C THR B 513 15.50 -3.00 -23.32
N GLU B 514 16.71 -3.45 -23.64
CA GLU B 514 17.90 -2.74 -23.19
C GLU B 514 17.92 -1.29 -23.66
N ALA B 515 17.31 -1.02 -24.83
CA ALA B 515 17.24 0.36 -25.31
C ALA B 515 16.38 1.22 -24.38
N GLN B 516 15.27 0.67 -23.90
CA GLN B 516 14.45 1.39 -22.94
C GLN B 516 15.19 1.59 -21.62
N TYR B 517 15.94 0.58 -21.17
CA TYR B 517 16.74 0.72 -19.96
C TYR B 517 17.73 1.87 -20.09
N ARG B 518 18.49 1.87 -21.20
CA ARG B 518 19.46 2.93 -21.43
C ARG B 518 18.77 4.28 -21.62
N PHE B 519 17.58 4.27 -22.24
CA PHE B 519 16.82 5.52 -22.40
C PHE B 519 16.51 6.14 -21.06
N ILE B 520 16.15 5.34 -20.06
CA ILE B 520 15.82 5.87 -18.74
C ILE B 520 17.01 6.61 -18.15
N TYR B 521 18.22 6.05 -18.29
CA TYR B 521 19.41 6.73 -17.81
C TYR B 521 19.64 8.05 -18.52
N MET B 522 19.39 8.09 -19.83
CA MET B 522 19.54 9.34 -20.57
C MET B 522 18.50 10.37 -20.15
N ALA B 523 17.27 9.92 -19.88
CA ALA B 523 16.21 10.85 -19.50
C ALA B 523 16.52 11.52 -18.17
N VAL B 524 17.06 10.76 -17.21
CA VAL B 524 17.44 11.35 -15.93
C VAL B 524 18.64 12.27 -16.10
N GLN B 525 19.57 11.90 -16.99
CA GLN B 525 20.73 12.74 -17.24
C GLN B 525 20.32 14.07 -17.87
N HIS B 526 19.48 14.02 -18.90
CA HIS B 526 19.01 15.24 -19.54
C HIS B 526 18.16 16.10 -18.61
N TYR B 527 17.54 15.50 -17.60
CA TYR B 527 16.73 16.26 -16.66
C TYR B 527 17.59 17.03 -15.66
N ILE B 528 18.71 16.44 -15.23
CA ILE B 528 19.54 17.09 -14.22
C ILE B 528 20.36 18.22 -14.82
N GLU B 529 20.81 18.07 -16.07
CA GLU B 529 21.60 19.13 -16.69
C GLU B 529 20.78 20.39 -16.90
N THR B 530 19.46 20.27 -17.13
CA THR B 530 18.61 21.45 -17.23
C THR B 530 18.31 22.06 -15.87
N LEU B 531 18.42 21.29 -14.80
CA LEU B 531 18.27 21.84 -13.45
C LEU B 531 19.50 22.67 -13.08
N GLN B 532 20.68 22.19 -13.43
CA GLN B 532 21.93 22.87 -13.08
C GLN B 532 22.43 23.70 -14.26
C14 3CW C . -3.64 4.68 23.33
C11 3CW C . -4.33 7.09 24.61
C10 3CW C . -3.03 6.90 24.14
C12 3CW C . -5.29 6.06 24.46
C13 3CW C . -4.93 4.87 23.81
C01 3CW C . -1.21 5.55 22.98
C03 3CW C . 1.03 5.47 23.60
C04 3CW C . 1.41 5.28 22.25
C06 3CW C . -0.85 5.38 21.64
C08 3CW C . -1.87 5.33 20.52
C09 3CW C . -2.68 5.71 23.48
C17 3CW C . 3.60 3.97 22.28
C18 3CW C . 4.47 3.30 21.20
C19 3CW C . 5.30 4.36 20.46
C20 3CW C . 4.32 5.27 19.71
C21 3CW C . 3.31 5.97 20.69
C22 3CW C . 6.15 5.20 21.48
C24 3CW C . 2.06 5.53 24.77
N02 3CW C . -0.26 5.59 23.91
N05 3CW C . 0.46 5.25 21.32
N07 3CW C . 2.84 5.13 21.82
N23 3CW C . 6.19 3.71 19.55
O25 3CW C . 1.67 6.58 25.65
CL15 3CW C . -3.24 3.12 22.52
CL16 3CW C . -6.16 3.54 23.61
C14 3CW D . 19.48 -5.58 -9.19
C11 3CW D . 18.57 -3.34 -7.78
C10 3CW D . 19.89 -3.40 -8.20
C12 3CW D . 17.69 -4.40 -8.06
C13 3CW D . 18.15 -5.52 -8.77
C01 3CW D . 21.84 -4.57 -9.35
C03 3CW D . 24.04 -4.68 -8.59
C04 3CW D . 24.51 -4.67 -9.91
C06 3CW D . 22.29 -4.55 -10.66
C08 3CW D . 21.33 -4.47 -11.84
C09 3CW D . 20.35 -4.51 -8.91
C17 3CW D . 26.88 -5.70 -9.72
C18 3CW D . 27.62 -6.57 -10.75
C19 3CW D . 28.25 -5.70 -11.85
C20 3CW D . 27.16 -4.87 -12.54
C21 3CW D . 26.37 -3.98 -11.50
C22 3CW D . 29.31 -4.73 -11.22
C24 3CW D . 24.92 -4.75 -7.33
N02 3CW D . 22.73 -4.63 -8.35
N05 3CW D . 23.62 -4.60 -10.90
N07 3CW D . 25.97 -4.72 -10.30
N23 3CW D . 28.90 -6.55 -12.80
O25 3CW D . 25.49 -3.46 -7.12
CL15 3CW D . 20.08 -7.03 -10.09
CL16 3CW D . 17.01 -6.89 -9.12
#